data_2ODY
#
_entry.id   2ODY
#
_cell.length_a   92.500
_cell.length_b   104.200
_cell.length_c   129.100
_cell.angle_alpha   90.00
_cell.angle_beta   90.00
_cell.angle_gamma   90.00
#
_symmetry.space_group_name_H-M   'P 21 21 21'
#
loop_
_entity.id
_entity.type
_entity.pdbx_description
1 polymer 'Prothrombin (EC 3.4.21.5)'
2 polymer 'Prothrombin (EC 3.4.21.5)'
3 polymer Boophilin
4 non-polymer 'PHOSPHATE ION'
5 non-polymer 'SODIUM ION'
6 non-polymer 2-acetamido-2-deoxy-beta-D-glucopyranose
7 water water
#
loop_
_entity_poly.entity_id
_entity_poly.type
_entity_poly.pdbx_seq_one_letter_code
_entity_poly.pdbx_strand_id
1 'polypeptide(L)' TSEDHFQPFFNEKTFGAGEADCGLRPLFEKKQVQDQTEKELFESYIEGR A,C
2 'polypeptide(L)'
;IVEGQDAEVGLSPWQVMLFRKSPQELLCGASLISDRWVLTAAHCLLYPPWDKNFTVDDLLVRIGKHSRTRYERKVEKISM
LDKIYIHPRYNWKENLDRDIALLKLKRPIELSDYIHPVCLPDKQTAAKLLHAGFKGRVTGWGNRRETWTTSVAEVQPSVL
QVVNLPLVERPVCKASTRIRITDNMFCAGYKPGEGKRGDACEGDSGGPFVMKSPYNNRWYQMGIVSWGEGCDRDGKYGFY
THVFRLKKWIQKVIDRLGS
;
B,D
3 'polypeptide(L)'
;QRNGFCRLPADEGICKALIPRFYFNTETGKCTMFSYGGCGGNENNFETIEECQKACGAPERVNDFESADFKTGCEPAADS
GSCAGQLERWFYNVQSGECETFVYGGCGGNDNNYESEEECELVCKNM
;
E,F
#
loop_
_chem_comp.id
_chem_comp.type
_chem_comp.name
_chem_comp.formula
NA non-polymer 'SODIUM ION' 'Na 1'
NAG D-saccharide, beta linking 2-acetamido-2-deoxy-beta-D-glucopyranose 'C8 H15 N O6'
PO4 non-polymer 'PHOSPHATE ION' 'O4 P -3'
#
# COMPACT_ATOMS: atom_id res chain seq x y z
N PHE A 6 9.18 21.44 -19.94
CA PHE A 6 10.01 20.24 -20.26
C PHE A 6 10.18 20.04 -21.77
N GLN A 7 11.42 19.79 -22.19
CA GLN A 7 11.71 19.39 -23.56
C GLN A 7 12.76 18.25 -23.61
N PRO A 8 12.47 17.19 -24.39
CA PRO A 8 13.29 15.98 -24.54
C PRO A 8 14.76 16.23 -24.93
N PHE A 9 15.66 15.40 -24.39
CA PHE A 9 17.11 15.53 -24.57
C PHE A 9 17.72 14.61 -25.64
N PHE A 10 17.23 13.36 -25.72
CA PHE A 10 17.81 12.36 -26.63
C PHE A 10 17.15 12.36 -28.01
N ASN A 11 17.88 11.84 -29.00
CA ASN A 11 17.37 11.64 -30.35
C ASN A 11 16.52 10.38 -30.42
N GLU A 12 15.25 10.54 -30.79
CA GLU A 12 14.28 9.44 -30.81
C GLU A 12 14.64 8.28 -31.74
N LYS A 13 15.36 8.57 -32.82
CA LYS A 13 15.73 7.52 -33.79
C LYS A 13 16.58 6.41 -33.16
N THR A 14 17.40 6.74 -32.18
CA THR A 14 18.19 5.73 -31.44
C THR A 14 17.66 5.47 -30.01
N PHE A 15 17.04 6.48 -29.40
CA PHE A 15 16.49 6.38 -28.05
C PHE A 15 15.19 5.59 -28.02
N GLY A 16 14.45 5.65 -29.12
CA GLY A 16 13.08 5.14 -29.15
C GLY A 16 12.11 6.18 -28.60
N ALA A 17 10.84 5.80 -28.54
CA ALA A 17 9.79 6.68 -28.05
C ALA A 17 9.74 6.72 -26.53
N GLY A 18 9.10 7.75 -25.99
CA GLY A 18 8.80 7.79 -24.56
C GLY A 18 9.35 8.98 -23.79
N GLU A 19 10.36 9.65 -24.33
CA GLU A 19 10.96 10.77 -23.62
C GLU A 19 10.06 11.98 -23.43
N ALA A 20 9.23 12.28 -24.43
CA ALA A 20 8.34 13.45 -24.36
C ALA A 20 7.35 13.34 -23.19
N ASP A 21 6.90 12.12 -22.90
CA ASP A 21 5.90 11.91 -21.86
C ASP A 21 6.50 11.31 -20.58
N CYS A 22 7.85 11.29 -20.51
CA CYS A 22 8.56 10.67 -19.40
C CYS A 22 8.16 11.23 -18.03
N GLY A 23 8.23 10.37 -17.01
CA GLY A 23 8.07 10.81 -15.62
C GLY A 23 6.68 11.18 -15.17
N LEU A 24 5.69 10.95 -16.03
CA LEU A 24 4.30 11.25 -15.74
C LEU A 24 3.56 9.92 -15.70
N ARG A 25 3.11 9.52 -14.52
CA ARG A 25 2.55 8.18 -14.32
C ARG A 25 1.07 8.12 -14.67
N PRO A 26 0.70 7.17 -15.57
CA PRO A 26 -0.68 6.94 -15.97
C PRO A 26 -1.69 6.90 -14.82
N LEU A 27 -1.31 6.27 -13.70
CA LEU A 27 -2.23 6.08 -12.58
C LEU A 27 -2.16 7.15 -11.50
N PHE A 28 -1.25 8.11 -11.67
CA PHE A 28 -1.09 9.19 -10.70
C PHE A 28 -1.17 10.59 -11.32
N GLU A 29 -0.07 11.09 -11.90
CA GLU A 29 -0.04 12.46 -12.48
C GLU A 29 -1.07 12.65 -13.60
N LYS A 30 -1.21 11.62 -14.44
CA LYS A 30 -2.14 11.66 -15.57
C LYS A 30 -3.60 11.81 -15.16
N LYS A 31 -3.94 11.33 -13.97
CA LYS A 31 -5.30 11.54 -13.46
C LYS A 31 -5.41 12.46 -12.23
N GLN A 32 -4.35 13.20 -11.96
CA GLN A 32 -4.27 14.14 -10.82
C GLN A 32 -4.56 13.49 -9.47
N VAL A 33 -4.08 12.27 -9.31
CA VAL A 33 -4.18 11.56 -8.05
C VAL A 33 -2.78 11.53 -7.49
N GLN A 34 -2.62 11.99 -6.25
CA GLN A 34 -1.31 11.95 -5.65
C GLN A 34 -1.12 10.65 -4.88
N ASP A 35 0.10 10.14 -4.85
CA ASP A 35 0.37 8.86 -4.19
C ASP A 35 0.50 9.04 -2.67
N GLN A 36 0.69 7.92 -1.95
CA GLN A 36 0.59 7.96 -0.49
C GLN A 36 1.64 8.81 0.23
N THR A 37 2.81 8.97 -0.38
CA THR A 37 3.93 9.60 0.31
C THR A 37 4.66 10.72 -0.45
N GLU A 38 4.18 11.09 -1.64
CA GLU A 38 4.80 12.16 -2.42
C GLU A 38 4.69 13.54 -1.76
N LYS A 39 3.74 13.70 -0.86
CA LYS A 39 3.64 14.91 -0.04
C LYS A 39 4.89 15.08 0.83
N GLU A 40 5.38 13.97 1.37
CA GLU A 40 6.60 13.93 2.17
C GLU A 40 7.80 14.49 1.39
N LEU A 41 7.87 14.14 0.11
CA LEU A 41 8.90 14.63 -0.80
C LEU A 41 8.84 16.14 -1.00
N PHE A 42 7.65 16.67 -1.24
CA PHE A 42 7.45 18.11 -1.40
C PHE A 42 7.68 18.88 -0.10
N GLU A 43 7.25 18.32 1.03
CA GLU A 43 7.57 18.87 2.35
C GLU A 43 9.09 19.00 2.58
N SER A 44 9.87 18.08 2.03
CA SER A 44 11.33 18.12 2.18
C SER A 44 11.95 19.31 1.43
N TYR A 45 11.26 19.82 0.42
CA TYR A 45 11.72 20.98 -0.34
C TYR A 45 11.69 22.27 0.47
N ILE A 46 10.76 22.35 1.42
CA ILE A 46 10.68 23.46 2.38
C ILE A 46 11.80 23.31 3.40
N GLU A 47 11.96 22.08 3.90
CA GLU A 47 12.91 21.75 4.96
C GLU A 47 14.37 21.82 4.51
N GLY A 48 14.66 21.27 3.33
CA GLY A 48 16.04 21.16 2.82
C GLY A 48 16.69 22.46 2.36
N ARG A 49 17.99 22.35 2.04
CA ARG A 49 18.84 23.48 1.67
C ARG A 49 18.30 24.32 0.52
N ILE B 1 14.55 -3.49 0.24
CA ILE B 1 14.30 -2.16 0.87
C ILE B 1 13.99 -2.36 2.35
N VAL B 2 14.76 -1.71 3.20
CA VAL B 2 14.58 -1.78 4.66
C VAL B 2 13.73 -0.58 5.14
N GLU B 3 12.77 -0.86 6.03
CA GLU B 3 11.87 0.15 6.63
C GLU B 3 11.03 0.90 5.60
N GLY B 4 10.66 0.21 4.53
CA GLY B 4 9.79 0.77 3.52
C GLY B 4 8.38 0.22 3.65
N GLN B 5 7.56 0.46 2.63
CA GLN B 5 6.19 -0.04 2.60
C GLN B 5 5.92 -0.65 1.23
N ASP B 6 4.86 -1.44 1.12
CA ASP B 6 4.34 -1.95 -0.14
C ASP B 6 4.03 -0.78 -1.05
N ALA B 7 4.56 -0.80 -2.27
CA ALA B 7 4.26 0.24 -3.25
C ALA B 7 2.84 0.06 -3.78
N GLU B 8 2.15 1.17 -4.03
CA GLU B 8 0.89 1.12 -4.77
C GLU B 8 1.12 0.55 -6.17
N VAL B 9 0.07 -0.03 -6.72
CA VAL B 9 0.08 -0.46 -8.12
C VAL B 9 0.36 0.76 -9.00
N GLY B 10 1.36 0.64 -9.86
CA GLY B 10 1.71 1.71 -10.80
C GLY B 10 2.43 2.90 -10.20
N LEU B 11 2.85 2.79 -8.94
CA LEU B 11 3.63 3.83 -8.25
C LEU B 11 4.91 4.17 -8.98
N SER B 12 5.51 3.14 -9.59
CA SER B 12 6.84 3.27 -10.16
C SER B 12 6.89 2.50 -11.49
N PRO B 13 6.17 3.02 -12.53
CA PRO B 13 5.99 2.26 -13.77
C PRO B 13 7.26 2.08 -14.62
N TRP B 14 8.33 2.74 -14.22
CA TRP B 14 9.65 2.59 -14.83
C TRP B 14 10.48 1.49 -14.14
N GLN B 15 9.94 0.93 -13.05
CA GLN B 15 10.66 -0.08 -12.28
C GLN B 15 10.85 -1.36 -13.09
N VAL B 16 12.08 -1.87 -13.09
CA VAL B 16 12.44 -3.03 -13.89
C VAL B 16 13.13 -4.07 -13.00
N MET B 17 12.75 -5.33 -13.19
CA MET B 17 13.39 -6.45 -12.51
C MET B 17 14.39 -7.10 -13.46
N LEU B 18 15.66 -7.11 -13.08
CA LEU B 18 16.67 -7.85 -13.83
C LEU B 18 16.69 -9.28 -13.31
N PHE B 19 16.43 -10.20 -14.22
CA PHE B 19 16.05 -11.55 -13.85
C PHE B 19 16.96 -12.58 -14.54
N ARG B 20 17.49 -13.50 -13.74
CA ARG B 20 18.31 -14.59 -14.24
C ARG B 20 17.39 -15.72 -14.68
N LYS B 21 17.53 -16.18 -15.92
CA LYS B 21 16.65 -17.25 -16.42
C LYS B 21 17.07 -18.66 -16.06
N SER B 22 18.36 -18.89 -15.83
CA SER B 22 18.84 -20.21 -15.32
C SER B 22 18.34 -20.38 -13.86
N PRO B 23 19.23 -20.64 -12.86
CA PRO B 23 18.60 -20.59 -11.53
C PRO B 23 17.77 -19.30 -11.37
N GLN B 24 16.46 -19.43 -11.55
CA GLN B 24 15.56 -18.29 -11.53
C GLN B 24 15.75 -17.50 -10.25
N GLU B 25 16.27 -16.28 -10.39
CA GLU B 25 16.41 -15.39 -9.25
C GLU B 25 16.34 -13.91 -9.68
N LEU B 26 15.99 -13.06 -8.72
CA LEU B 26 16.15 -11.64 -8.87
C LEU B 26 17.64 -11.35 -8.77
N LEU B 27 18.22 -10.83 -9.85
CA LEU B 27 19.59 -10.35 -9.81
C LEU B 27 19.65 -8.95 -9.24
N CYS B 28 18.81 -8.07 -9.77
CA CYS B 28 18.90 -6.63 -9.51
C CYS B 28 17.64 -5.91 -9.91
N GLY B 29 17.55 -4.65 -9.47
CA GLY B 29 16.56 -3.71 -9.98
C GLY B 29 17.15 -2.97 -11.16
N ALA B 30 16.29 -2.23 -11.86
CA ALA B 30 16.68 -1.40 -13.00
C ALA B 30 15.57 -0.39 -13.27
N SER B 31 15.72 0.41 -14.34
CA SER B 31 14.68 1.37 -14.70
C SER B 31 14.52 1.54 -16.21
N LEU B 32 13.28 1.79 -16.66
CA LEU B 32 12.96 2.01 -18.05
C LEU B 32 13.11 3.50 -18.34
N ILE B 33 13.96 3.85 -19.30
CA ILE B 33 14.17 5.26 -19.64
C ILE B 33 13.58 5.63 -21.00
N SER B 34 13.22 4.62 -21.79
CA SER B 34 12.47 4.79 -23.04
C SER B 34 11.73 3.47 -23.34
N ASP B 35 11.17 3.34 -24.54
CA ASP B 35 10.54 2.06 -24.92
C ASP B 35 11.57 0.99 -25.26
N ARG B 36 12.84 1.38 -25.23
CA ARG B 36 13.93 0.60 -25.81
C ARG B 36 15.13 0.42 -24.89
N TRP B 37 15.33 1.33 -23.94
CA TRP B 37 16.53 1.36 -23.10
C TRP B 37 16.23 1.25 -21.61
N VAL B 38 17.07 0.46 -20.94
CA VAL B 38 16.97 0.20 -19.51
C VAL B 38 18.29 0.56 -18.82
N LEU B 39 18.20 1.25 -17.69
CA LEU B 39 19.34 1.71 -16.94
C LEU B 39 19.51 0.86 -15.67
N THR B 40 20.75 0.47 -15.36
CA THR B 40 21.03 -0.35 -14.17
C THR B 40 22.45 -0.10 -13.66
N ALA B 41 22.85 -0.81 -12.60
CA ALA B 41 24.19 -0.73 -12.07
C ALA B 41 25.12 -1.70 -12.80
N ALA B 42 26.34 -1.24 -13.09
CA ALA B 42 27.36 -2.08 -13.73
C ALA B 42 27.63 -3.37 -12.94
N HIS B 43 27.68 -3.25 -11.61
CA HIS B 43 28.01 -4.38 -10.74
C HIS B 43 26.92 -5.46 -10.71
N CYS B 44 25.75 -5.14 -11.23
CA CYS B 44 24.67 -6.11 -11.45
C CYS B 44 25.02 -7.07 -12.58
N LEU B 45 25.91 -6.62 -13.46
CA LEU B 45 26.27 -7.37 -14.65
C LEU B 45 27.68 -7.93 -14.59
N LEU B 46 28.59 -7.18 -13.98
CA LEU B 46 30.02 -7.50 -13.98
C LEU B 46 30.65 -7.34 -12.60
N TYR B 47 31.03 -8.46 -12.00
CA TYR B 47 31.75 -8.43 -10.72
C TYR B 47 32.68 -9.64 -10.59
N PRO B 48 33.90 -9.54 -11.16
CA PRO B 48 34.93 -10.59 -11.15
C PRO B 48 35.18 -11.35 -9.82
N PRO B 49 35.12 -10.67 -8.65
CA PRO B 49 35.26 -11.43 -7.38
C PRO B 49 34.19 -12.51 -7.14
N TRP B 50 33.01 -12.36 -7.75
CA TRP B 50 32.00 -13.42 -7.71
C TRP B 50 31.92 -14.20 -9.02
N ASP B 51 32.93 -14.06 -9.87
CA ASP B 51 32.95 -14.70 -11.19
C ASP B 51 31.66 -14.35 -11.98
N LYS B 52 31.36 -13.05 -12.03
CA LYS B 52 30.10 -12.57 -12.60
C LYS B 52 30.32 -11.73 -13.86
N ASN B 53 29.78 -12.20 -14.98
CA ASN B 53 29.87 -11.53 -16.26
C ASN B 53 28.67 -11.95 -17.13
N PHE B 54 27.49 -11.41 -16.81
CA PHE B 54 26.24 -11.83 -17.45
C PHE B 54 26.14 -11.36 -18.90
N THR B 55 25.74 -12.29 -19.77
CA THR B 55 25.51 -12.02 -21.19
C THR B 55 24.00 -11.85 -21.42
N VAL B 56 23.61 -11.47 -22.64
CA VAL B 56 22.19 -11.30 -22.97
C VAL B 56 21.42 -12.62 -22.98
N ASP B 57 22.17 -13.73 -23.07
CA ASP B 57 21.61 -15.07 -23.03
C ASP B 57 21.27 -15.55 -21.62
N ASP B 58 21.83 -14.87 -20.61
CA ASP B 58 21.65 -15.26 -19.22
C ASP B 58 20.43 -14.60 -18.59
N LEU B 59 19.97 -13.50 -19.19
CA LEU B 59 19.08 -12.55 -18.53
C LEU B 59 17.75 -12.29 -19.20
N LEU B 60 16.78 -11.89 -18.39
CA LEU B 60 15.53 -11.30 -18.83
C LEU B 60 15.27 -10.02 -18.04
N VAL B 61 14.51 -9.10 -18.62
CA VAL B 61 13.93 -8.02 -17.84
C VAL B 61 12.42 -8.22 -17.73
N ARG B 62 11.90 -7.96 -16.53
CA ARG B 62 10.48 -8.04 -16.26
C ARG B 62 10.03 -6.64 -15.86
N ILE B 63 9.14 -6.07 -16.66
CA ILE B 63 8.71 -4.68 -16.52
C ILE B 63 7.21 -4.65 -16.21
N GLY B 64 6.78 -3.69 -15.41
CA GLY B 64 5.37 -3.55 -15.01
C GLY B 64 4.94 -4.41 -13.84
N LYS B 65 5.91 -4.93 -13.08
CA LYS B 65 5.64 -5.86 -11.99
C LYS B 65 5.25 -5.18 -10.67
N HIS B 66 4.45 -5.88 -9.88
CA HIS B 66 4.11 -5.46 -8.53
C HIS B 66 4.56 -6.55 -7.54
N SER B 67 3.95 -7.71 -7.65
CA SER B 67 4.38 -8.89 -6.91
C SER B 67 5.79 -9.28 -7.31
N ARG B 68 6.58 -9.72 -6.34
CA ARG B 68 7.94 -10.18 -6.59
C ARG B 68 7.95 -11.51 -7.36
N THR B 69 6.98 -12.37 -7.05
CA THR B 69 6.99 -13.76 -7.48
C THR B 69 5.86 -14.19 -8.43
N ARG B 70 4.69 -13.57 -8.30
CA ARG B 70 3.55 -13.91 -9.15
C ARG B 70 3.81 -13.57 -10.61
N TYR B 71 3.38 -14.46 -11.51
CA TYR B 71 3.42 -14.17 -12.94
C TYR B 71 2.22 -13.29 -13.25
N GLU B 72 2.49 -12.02 -13.51
CA GLU B 72 1.42 -11.04 -13.65
C GLU B 72 1.00 -10.91 -15.10
N ARG B 73 0.41 -12.01 -15.60
CA ARG B 73 -0.11 -12.14 -16.95
C ARG B 73 -0.92 -10.90 -17.37
N LYS B 74 -0.62 -10.40 -18.56
CA LYS B 74 -1.31 -9.26 -19.17
C LYS B 74 -1.03 -7.90 -18.51
N VAL B 75 -0.21 -7.88 -17.47
CA VAL B 75 0.24 -6.59 -16.93
C VAL B 75 1.77 -6.46 -17.02
N GLU B 76 2.51 -7.48 -16.60
CA GLU B 76 3.96 -7.47 -16.76
C GLU B 76 4.41 -7.85 -18.18
N LYS B 77 5.53 -7.26 -18.60
CA LYS B 77 6.16 -7.59 -19.88
C LYS B 77 7.51 -8.24 -19.60
N ILE B 78 7.72 -9.41 -20.21
CA ILE B 78 8.97 -10.15 -20.08
C ILE B 78 9.70 -10.06 -21.43
N SER B 79 10.95 -9.60 -21.42
CA SER B 79 11.69 -9.48 -22.66
C SER B 79 13.20 -9.70 -22.55
N MET B 80 13.79 -10.18 -23.64
CA MET B 80 15.22 -10.35 -23.77
C MET B 80 15.93 -9.04 -24.08
N LEU B 81 17.24 -9.08 -23.97
CA LEU B 81 18.08 -7.92 -24.27
C LEU B 81 18.78 -8.10 -25.60
N ASP B 82 19.00 -6.99 -26.27
CA ASP B 82 19.73 -6.93 -27.53
C ASP B 82 21.21 -6.79 -27.21
N LYS B 83 21.55 -5.76 -26.42
CA LYS B 83 22.94 -5.45 -26.08
C LYS B 83 23.10 -5.03 -24.62
N ILE B 84 24.33 -5.16 -24.10
CA ILE B 84 24.69 -4.68 -22.78
C ILE B 84 25.86 -3.69 -22.92
N TYR B 85 25.77 -2.55 -22.25
CA TYR B 85 26.83 -1.56 -22.24
C TYR B 85 27.22 -1.21 -20.81
N ILE B 86 28.45 -1.54 -20.44
CA ILE B 86 28.97 -1.21 -19.12
C ILE B 86 29.94 -0.03 -19.29
N HIS B 87 29.92 0.90 -18.35
CA HIS B 87 30.88 2.00 -18.38
C HIS B 87 32.31 1.45 -18.44
N PRO B 88 33.13 1.96 -19.39
CA PRO B 88 34.48 1.42 -19.57
C PRO B 88 35.43 1.76 -18.41
N ARG B 89 35.04 2.67 -17.54
CA ARG B 89 35.88 3.10 -16.43
C ARG B 89 35.33 2.65 -15.07
N TYR B 90 34.33 1.78 -15.12
CA TYR B 90 33.74 1.16 -13.95
C TYR B 90 34.83 0.54 -13.06
N ASN B 91 34.95 1.06 -11.85
CA ASN B 91 35.99 0.64 -10.91
C ASN B 91 35.44 -0.41 -9.94
N TRP B 92 35.39 -1.66 -10.38
CA TRP B 92 34.85 -2.72 -9.54
C TRP B 92 35.79 -3.07 -8.37
N LYS B 93 37.08 -2.85 -8.57
CA LYS B 93 38.07 -3.27 -7.60
C LYS B 93 38.04 -2.44 -6.31
N GLU B 94 37.83 -1.14 -6.44
CA GLU B 94 38.00 -0.22 -5.31
C GLU B 94 36.69 0.18 -4.62
N ASN B 95 35.80 0.80 -5.39
CA ASN B 95 34.67 1.51 -4.79
C ASN B 95 33.40 1.55 -5.63
N LEU B 96 33.39 0.77 -6.72
CA LEU B 96 32.28 0.73 -7.70
C LEU B 96 32.05 2.10 -8.36
N ASP B 97 33.11 2.86 -8.57
CA ASP B 97 33.01 4.15 -9.23
C ASP B 97 32.47 3.94 -10.65
N ARG B 98 31.53 4.79 -11.05
CA ARG B 98 30.88 4.71 -12.37
C ARG B 98 30.05 3.43 -12.50
N ASP B 99 29.27 3.15 -11.46
CA ASP B 99 28.42 1.98 -11.39
C ASP B 99 27.15 2.18 -12.25
N ILE B 100 27.33 2.03 -13.55
CA ILE B 100 26.28 2.32 -14.51
C ILE B 100 26.38 1.38 -15.70
N ALA B 101 25.22 0.88 -16.14
CA ALA B 101 25.12 0.04 -17.32
C ALA B 101 23.83 0.36 -18.08
N LEU B 102 23.91 0.29 -19.41
CA LEU B 102 22.75 0.46 -20.27
C LEU B 102 22.39 -0.86 -20.93
N LEU B 103 21.09 -1.14 -20.92
CA LEU B 103 20.54 -2.38 -21.46
C LEU B 103 19.59 -2.02 -22.60
N LYS B 104 19.89 -2.51 -23.79
CA LYS B 104 19.07 -2.31 -24.97
C LYS B 104 18.12 -3.50 -25.11
N LEU B 105 16.82 -3.23 -25.11
CA LEU B 105 15.82 -4.29 -25.29
C LEU B 105 15.83 -4.83 -26.71
N LYS B 106 15.52 -6.12 -26.87
CA LYS B 106 15.52 -6.78 -28.19
C LYS B 106 14.44 -6.19 -29.09
N ARG B 107 13.29 -5.87 -28.50
CA ARG B 107 12.17 -5.23 -29.20
C ARG B 107 11.67 -4.09 -28.33
N PRO B 108 11.22 -2.97 -28.95
CA PRO B 108 10.56 -1.90 -28.20
C PRO B 108 9.31 -2.43 -27.51
N ILE B 109 9.05 -1.98 -26.28
CA ILE B 109 7.85 -2.45 -25.58
C ILE B 109 6.73 -1.42 -25.60
N GLU B 110 5.50 -1.91 -25.52
CA GLU B 110 4.34 -1.03 -25.45
C GLU B 110 4.16 -0.53 -24.03
N LEU B 111 3.77 0.73 -23.90
CA LEU B 111 3.58 1.35 -22.61
C LEU B 111 2.15 1.11 -22.14
N SER B 112 1.94 1.20 -20.83
CA SER B 112 0.63 0.95 -20.23
C SER B 112 0.51 1.71 -18.92
N ASP B 113 -0.56 1.44 -18.16
CA ASP B 113 -0.72 1.96 -16.81
C ASP B 113 0.46 1.59 -15.91
N TYR B 114 1.09 0.47 -16.22
CA TYR B 114 2.09 -0.18 -15.35
C TYR B 114 3.50 -0.03 -15.89
N ILE B 115 3.60 0.38 -17.16
CA ILE B 115 4.87 0.50 -17.86
C ILE B 115 4.97 1.89 -18.48
N HIS B 116 5.94 2.67 -18.01
CA HIS B 116 6.11 4.06 -18.43
C HIS B 116 7.51 4.53 -18.03
N PRO B 117 8.25 5.16 -18.95
CA PRO B 117 9.61 5.61 -18.65
C PRO B 117 9.74 6.81 -17.70
N VAL B 118 10.84 6.80 -16.93
CA VAL B 118 11.24 7.90 -16.06
C VAL B 118 12.07 8.90 -16.87
N CYS B 119 12.10 10.16 -16.41
CA CYS B 119 12.93 11.19 -17.02
C CYS B 119 14.35 11.13 -16.47
N LEU B 120 15.31 11.49 -17.32
CA LEU B 120 16.69 11.73 -16.89
C LEU B 120 16.89 13.23 -16.69
N PRO B 121 17.66 13.62 -15.64
CA PRO B 121 17.80 15.04 -15.33
C PRO B 121 18.63 15.82 -16.34
N ASP B 122 18.26 17.08 -16.55
CA ASP B 122 19.12 18.03 -17.24
C ASP B 122 19.91 18.80 -16.19
N LYS B 123 20.76 19.72 -16.64
CA LYS B 123 21.63 20.52 -15.77
C LYS B 123 20.85 21.31 -14.72
N GLN B 124 19.76 21.93 -15.14
CA GLN B 124 18.95 22.78 -14.27
C GLN B 124 18.16 21.97 -13.24
N THR B 125 17.66 20.82 -13.67
CA THR B 125 16.96 19.91 -12.76
C THR B 125 17.91 19.38 -11.67
N ALA B 126 19.10 18.95 -12.07
CA ALA B 126 20.11 18.47 -11.14
C ALA B 126 20.53 19.54 -10.13
N ALA B 127 20.74 20.76 -10.61
CA ALA B 127 21.06 21.90 -9.74
C ALA B 127 19.95 22.24 -8.74
N LYS B 128 18.70 22.23 -9.21
CA LYS B 128 17.56 22.57 -8.37
C LYS B 128 17.18 21.49 -7.36
N LEU B 129 17.37 20.22 -7.75
CA LEU B 129 16.89 19.09 -6.96
C LEU B 129 17.93 18.47 -6.03
N LEU B 130 19.20 18.54 -6.40
CA LEU B 130 20.25 17.92 -5.58
C LEU B 130 20.71 18.86 -4.48
N HIS B 131 19.87 18.94 -3.45
CA HIS B 131 20.12 19.74 -2.26
C HIS B 131 19.99 18.83 -1.06
N ALA B 132 20.93 18.94 -0.12
CA ALA B 132 20.88 18.15 1.11
C ALA B 132 19.57 18.41 1.86
N GLY B 133 18.95 17.32 2.34
CA GLY B 133 17.66 17.42 3.01
C GLY B 133 16.48 17.10 2.12
N PHE B 134 16.62 17.35 0.82
CA PHE B 134 15.59 17.05 -0.17
C PHE B 134 15.44 15.54 -0.26
N LYS B 135 14.22 15.06 -0.36
CA LYS B 135 13.99 13.63 -0.34
C LYS B 135 13.75 13.08 -1.74
N GLY B 136 14.36 11.93 -1.99
CA GLY B 136 14.10 11.14 -3.18
C GLY B 136 13.49 9.81 -2.79
N ARG B 137 13.18 8.98 -3.78
CA ARG B 137 12.46 7.75 -3.56
C ARG B 137 13.22 6.56 -4.15
N VAL B 138 13.30 5.48 -3.38
CA VAL B 138 13.96 4.25 -3.78
C VAL B 138 12.96 3.10 -3.72
N THR B 139 13.00 2.24 -4.73
CA THR B 139 12.08 1.11 -4.86
C THR B 139 12.84 -0.17 -5.21
N GLY B 140 12.35 -1.30 -4.74
CA GLY B 140 12.96 -2.58 -5.11
C GLY B 140 12.30 -3.81 -4.51
N TRP B 141 12.76 -4.97 -4.96
CA TRP B 141 12.30 -6.25 -4.43
C TRP B 141 13.35 -6.94 -3.53
N GLY B 142 14.41 -6.21 -3.18
CA GLY B 142 15.48 -6.76 -2.35
C GLY B 142 15.09 -7.03 -0.91
N ASN B 143 16.08 -7.47 -0.13
CA ASN B 143 15.87 -7.84 1.26
C ASN B 143 15.30 -6.73 2.13
N ARG B 144 14.47 -7.12 3.09
CA ARG B 144 13.80 -6.18 4.00
C ARG B 144 14.61 -5.91 5.27
N ARG B 145 15.57 -6.78 5.54
CA ARG B 145 16.52 -6.60 6.62
C ARG B 145 17.87 -7.12 6.15
N GLU B 146 18.93 -6.55 6.68
CA GLU B 146 20.28 -6.97 6.33
C GLU B 146 20.57 -8.42 6.72
N THR B 147 20.18 -8.80 7.92
CA THR B 147 20.51 -10.11 8.45
C THR B 147 19.27 -10.91 8.86
N TRP B 148 19.44 -12.24 8.91
CA TRP B 148 18.40 -13.16 9.35
C TRP B 148 19.05 -14.20 10.25
N THR B 149 18.25 -14.87 11.06
CA THR B 149 18.79 -15.86 11.99
C THR B 149 18.65 -17.30 11.47
N THR B 150 17.63 -17.55 10.65
CA THR B 150 17.37 -18.91 10.14
C THR B 150 17.46 -19.01 8.61
N SER B 151 16.83 -18.08 7.90
CA SER B 151 16.77 -18.17 6.44
C SER B 151 16.55 -16.82 5.77
N VAL B 152 17.15 -16.64 4.60
CA VAL B 152 16.91 -15.47 3.74
C VAL B 152 15.42 -15.32 3.38
N ALA B 153 14.66 -16.40 3.59
CA ALA B 153 13.22 -16.40 3.32
C ALA B 153 12.46 -15.40 4.20
N GLU B 154 12.88 -15.25 5.45
CA GLU B 154 12.17 -14.35 6.39
C GLU B 154 12.31 -12.84 6.10
N VAL B 155 13.15 -12.49 5.13
CA VAL B 155 13.38 -11.08 4.76
C VAL B 155 12.93 -10.74 3.32
N GLN B 156 12.09 -11.57 2.73
CA GLN B 156 11.61 -11.35 1.36
C GLN B 156 10.32 -10.57 1.36
N PRO B 157 10.24 -9.52 0.52
CA PRO B 157 8.94 -8.87 0.33
C PRO B 157 8.05 -9.65 -0.64
N SER B 158 6.75 -9.63 -0.40
CA SER B 158 5.83 -10.21 -1.38
C SER B 158 5.59 -9.25 -2.56
N VAL B 159 5.65 -7.96 -2.30
CA VAL B 159 5.47 -6.97 -3.37
C VAL B 159 6.61 -5.93 -3.42
N LEU B 160 6.59 -5.09 -4.45
CA LEU B 160 7.54 -3.99 -4.58
C LEU B 160 7.49 -3.10 -3.34
N GLN B 161 8.66 -2.68 -2.89
CA GLN B 161 8.80 -1.84 -1.70
C GLN B 161 9.28 -0.46 -2.09
N VAL B 162 8.83 0.54 -1.33
CA VAL B 162 9.19 1.93 -1.53
C VAL B 162 9.64 2.55 -0.21
N VAL B 163 10.65 3.42 -0.29
CA VAL B 163 11.10 4.21 0.86
C VAL B 163 11.54 5.57 0.32
N ASN B 164 11.25 6.63 1.06
CA ASN B 164 11.73 7.96 0.71
C ASN B 164 12.88 8.32 1.62
N LEU B 165 13.97 8.82 1.04
CA LEU B 165 15.20 9.10 1.81
C LEU B 165 15.77 10.47 1.48
N PRO B 166 16.22 11.22 2.51
CA PRO B 166 16.84 12.52 2.26
C PRO B 166 18.26 12.42 1.71
N LEU B 167 18.57 13.32 0.77
CA LEU B 167 19.93 13.46 0.28
C LEU B 167 20.83 13.93 1.42
N VAL B 168 22.08 13.49 1.41
CA VAL B 168 23.01 13.84 2.46
C VAL B 168 24.20 14.61 1.88
N GLU B 169 24.60 15.66 2.60
CA GLU B 169 25.75 16.49 2.23
C GLU B 169 27.06 15.69 2.25
N ARG B 170 27.96 16.04 1.33
CA ARG B 170 29.28 15.37 1.15
C ARG B 170 30.03 15.03 2.45
N PRO B 171 30.23 16.04 3.35
CA PRO B 171 31.01 15.77 4.57
C PRO B 171 30.47 14.63 5.44
N VAL B 172 29.14 14.52 5.51
CA VAL B 172 28.50 13.46 6.31
C VAL B 172 28.66 12.10 5.63
N CYS B 173 28.56 12.07 4.29
CA CYS B 173 28.78 10.83 3.54
C CYS B 173 30.22 10.33 3.70
N LYS B 174 31.17 11.27 3.62
CA LYS B 174 32.59 10.97 3.70
C LYS B 174 32.98 10.31 5.02
N ALA B 175 32.54 10.90 6.13
CA ALA B 175 32.87 10.43 7.47
C ALA B 175 32.21 9.10 7.86
N SER B 176 31.22 8.66 7.09
CA SER B 176 30.47 7.44 7.39
C SER B 176 31.15 6.18 6.86
N THR B 177 32.17 6.34 6.03
CA THR B 177 32.78 5.18 5.36
C THR B 177 34.30 5.32 5.18
N ARG B 178 34.98 4.18 5.22
CA ARG B 178 36.42 4.09 4.96
C ARG B 178 36.72 4.03 3.47
N ILE B 179 35.66 3.85 2.67
CA ILE B 179 35.74 3.78 1.21
C ILE B 179 35.78 5.18 0.60
N ARG B 180 36.56 5.33 -0.48
CA ARG B 180 36.72 6.60 -1.17
C ARG B 180 35.53 6.94 -2.07
N ILE B 181 34.96 8.11 -1.85
CA ILE B 181 33.78 8.59 -2.57
C ILE B 181 34.19 9.52 -3.70
N THR B 182 33.46 9.44 -4.81
CA THR B 182 33.72 10.28 -5.98
C THR B 182 32.51 11.14 -6.32
N ASP B 183 32.71 12.07 -7.27
CA ASP B 183 31.64 12.93 -7.75
C ASP B 183 30.63 12.16 -8.60
N ASN B 184 30.95 10.90 -8.92
CA ASN B 184 30.01 9.97 -9.54
C ASN B 184 29.11 9.27 -8.53
N MET B 185 29.08 9.78 -7.30
CA MET B 185 28.28 9.20 -6.23
C MET B 185 27.66 10.30 -5.39
N PHE B 186 26.53 10.00 -4.78
CA PHE B 186 26.00 10.79 -3.69
C PHE B 186 25.44 9.79 -2.68
N CYS B 187 25.21 10.21 -1.45
CA CYS B 187 24.61 9.29 -0.48
C CYS B 187 23.29 9.83 0.04
N ALA B 188 22.51 8.94 0.63
CA ALA B 188 21.17 9.29 1.10
C ALA B 188 20.80 8.41 2.28
N GLY B 189 19.93 8.93 3.14
CA GLY B 189 19.45 8.25 4.33
C GLY B 189 19.34 9.21 5.49
N TYR B 190 18.63 8.79 6.53
CA TYR B 190 18.51 9.57 7.75
C TYR B 190 19.74 9.46 8.64
N LYS B 191 19.98 10.52 9.40
CA LYS B 191 21.07 10.57 10.35
C LYS B 191 20.61 9.94 11.66
N PRO B 192 21.55 9.50 12.52
CA PRO B 192 21.15 9.10 13.87
C PRO B 192 20.47 10.26 14.61
N GLY B 193 19.30 9.99 15.19
CA GLY B 193 18.57 11.03 15.92
C GLY B 193 17.48 11.74 15.13
N GLU B 194 17.51 11.61 13.80
CA GLU B 194 16.41 12.14 12.97
C GLU B 194 15.09 11.37 13.20
N GLY B 195 15.17 10.25 13.90
CA GLY B 195 13.98 9.50 14.31
C GLY B 195 13.31 8.68 13.23
N LYS B 196 13.96 8.57 12.08
CA LYS B 196 13.43 7.80 10.95
C LYS B 196 14.50 6.88 10.37
N ARG B 197 14.06 5.80 9.73
CA ARG B 197 14.96 4.80 9.18
C ARG B 197 14.64 4.52 7.72
N GLY B 198 15.46 3.69 7.10
CA GLY B 198 15.23 3.29 5.71
C GLY B 198 16.51 3.24 4.91
N ASP B 199 16.59 2.23 4.04
CA ASP B 199 17.75 2.01 3.19
C ASP B 199 17.39 1.05 2.06
N ALA B 200 18.19 1.08 1.00
CA ALA B 200 18.26 -0.03 0.06
C ALA B 200 19.01 -1.20 0.72
N CYS B 201 18.82 -2.39 0.18
CA CYS B 201 19.53 -3.56 0.66
C CYS B 201 19.88 -4.47 -0.51
N GLU B 202 20.46 -5.62 -0.21
CA GLU B 202 20.84 -6.61 -1.21
C GLU B 202 19.61 -6.97 -2.05
N GLY B 203 19.74 -6.88 -3.37
CA GLY B 203 18.63 -7.14 -4.29
C GLY B 203 18.01 -5.87 -4.88
N ASP B 204 18.27 -4.73 -4.24
CA ASP B 204 17.78 -3.44 -4.70
C ASP B 204 18.75 -2.75 -5.66
N SER B 205 19.99 -3.23 -5.70
CA SER B 205 21.04 -2.64 -6.52
C SER B 205 20.57 -2.51 -7.97
N GLY B 206 21.02 -1.45 -8.64
CA GLY B 206 20.59 -1.15 -9.99
C GLY B 206 19.28 -0.42 -10.07
N GLY B 207 18.52 -0.42 -8.97
CA GLY B 207 17.22 0.25 -8.92
C GLY B 207 17.37 1.76 -8.94
N PRO B 208 16.28 2.48 -9.25
CA PRO B 208 16.25 3.95 -9.35
C PRO B 208 16.06 4.70 -8.03
N PHE B 209 16.80 5.80 -7.89
CA PHE B 209 16.53 6.82 -6.86
C PHE B 209 15.91 7.97 -7.62
N VAL B 210 14.62 8.23 -7.40
CA VAL B 210 13.90 9.24 -8.16
C VAL B 210 13.43 10.42 -7.33
N MET B 211 13.28 11.57 -7.99
CA MET B 211 12.76 12.77 -7.37
C MET B 211 11.68 13.37 -8.26
N LYS B 212 10.60 13.83 -7.64
CA LYS B 212 9.53 14.50 -8.37
C LYS B 212 9.81 16.00 -8.42
N SER B 213 9.91 16.55 -9.62
CA SER B 213 10.18 17.98 -9.79
C SER B 213 8.97 18.84 -9.45
N PRO B 214 9.18 19.85 -8.60
CA PRO B 214 8.10 20.79 -8.32
C PRO B 214 7.89 21.80 -9.47
N TYR B 215 8.81 21.81 -10.43
CA TYR B 215 8.76 22.72 -11.57
C TYR B 215 7.83 22.23 -12.69
N ASN B 216 7.83 20.93 -12.97
CA ASN B 216 7.04 20.39 -14.08
C ASN B 216 6.28 19.10 -13.76
N ASN B 217 6.27 18.71 -12.48
CA ASN B 217 5.54 17.52 -12.00
C ASN B 217 6.04 16.17 -12.48
N ARG B 218 7.22 16.16 -13.11
CA ARG B 218 7.78 14.92 -13.66
C ARG B 218 8.76 14.28 -12.69
N TRP B 219 8.80 12.95 -12.72
CA TRP B 219 9.77 12.17 -11.95
C TRP B 219 11.06 12.03 -12.74
N TYR B 220 12.18 12.29 -12.06
CA TYR B 220 13.52 12.22 -12.64
C TYR B 220 14.34 11.20 -11.87
N GLN B 221 15.06 10.33 -12.60
CA GLN B 221 16.00 9.43 -11.97
C GLN B 221 17.33 10.13 -11.72
N MET B 222 17.60 10.39 -10.45
CA MET B 222 18.80 11.12 -10.02
C MET B 222 19.94 10.17 -9.72
N GLY B 223 19.60 8.95 -9.30
CA GLY B 223 20.59 7.96 -8.91
C GLY B 223 20.26 6.52 -9.24
N ILE B 224 21.27 5.67 -9.09
CA ILE B 224 21.12 4.22 -9.21
C ILE B 224 21.64 3.63 -7.90
N VAL B 225 20.85 2.77 -7.26
CA VAL B 225 21.30 2.02 -6.08
C VAL B 225 22.62 1.31 -6.40
N SER B 226 23.68 1.73 -5.71
CA SER B 226 25.02 1.25 -6.00
C SER B 226 25.62 0.40 -4.87
N TRP B 227 25.94 1.02 -3.74
CA TRP B 227 26.55 0.32 -2.62
C TRP B 227 26.20 0.93 -1.28
N GLY B 228 26.61 0.25 -0.21
CA GLY B 228 26.45 0.74 1.15
C GLY B 228 27.34 -0.03 2.10
N GLU B 229 27.04 0.05 3.38
CA GLU B 229 27.77 -0.69 4.41
C GLU B 229 26.76 -1.38 5.30
N GLY B 230 26.39 -2.60 4.95
CA GLY B 230 25.22 -3.23 5.54
C GLY B 230 23.95 -2.55 5.02
N CYS B 231 22.83 -2.74 5.72
CA CYS B 231 21.57 -2.11 5.36
C CYS B 231 20.93 -1.49 6.59
N ASP B 232 20.61 -0.19 6.49
CA ASP B 232 19.94 0.57 7.53
C ASP B 232 20.68 0.58 8.89
N ARG B 233 22.01 0.64 8.84
CA ARG B 233 22.82 0.75 10.07
C ARG B 233 22.93 2.20 10.51
N ASP B 234 22.88 2.42 11.82
CA ASP B 234 23.05 3.76 12.38
C ASP B 234 24.43 4.31 12.02
N GLY B 235 24.45 5.56 11.56
CA GLY B 235 25.71 6.21 11.18
C GLY B 235 26.18 5.90 9.77
N LYS B 236 25.44 5.05 9.06
CA LYS B 236 25.78 4.66 7.70
C LYS B 236 24.72 5.15 6.71
N TYR B 237 25.09 5.25 5.43
CA TYR B 237 24.17 5.72 4.38
C TYR B 237 24.33 4.88 3.12
N GLY B 238 23.30 4.90 2.27
CA GLY B 238 23.37 4.24 0.99
C GLY B 238 24.02 5.15 -0.03
N PHE B 239 24.79 4.57 -0.94
CA PHE B 239 25.41 5.31 -2.03
C PHE B 239 24.75 4.99 -3.37
N TYR B 240 24.67 6.02 -4.21
CA TYR B 240 23.93 5.97 -5.45
C TYR B 240 24.80 6.53 -6.56
N THR B 241 24.74 5.91 -7.72
CA THR B 241 25.42 6.43 -8.90
C THR B 241 24.76 7.75 -9.29
N HIS B 242 25.58 8.79 -9.43
CA HIS B 242 25.13 10.13 -9.77
C HIS B 242 24.84 10.16 -11.27
N VAL B 243 23.57 10.02 -11.63
CA VAL B 243 23.15 9.84 -13.04
C VAL B 243 23.49 11.02 -13.95
N PHE B 244 23.22 12.24 -13.48
CA PHE B 244 23.53 13.43 -14.27
C PHE B 244 25.03 13.59 -14.57
N ARG B 245 25.88 13.25 -13.59
CA ARG B 245 27.33 13.29 -13.79
C ARG B 245 27.81 12.33 -14.88
N LEU B 246 27.03 11.27 -15.11
CA LEU B 246 27.36 10.26 -16.13
C LEU B 246 26.47 10.33 -17.38
N LYS B 247 25.73 11.42 -17.51
CA LYS B 247 24.81 11.67 -18.63
C LYS B 247 25.53 11.72 -19.99
N LYS B 248 26.75 12.25 -20.01
CA LYS B 248 27.56 12.30 -21.23
C LYS B 248 27.83 10.90 -21.77
N TRP B 249 28.09 9.96 -20.87
CA TRP B 249 28.29 8.57 -21.26
C TRP B 249 27.01 7.93 -21.78
N ILE B 250 25.89 8.17 -21.11
CA ILE B 250 24.59 7.66 -21.54
C ILE B 250 24.27 8.08 -22.98
N GLN B 251 24.42 9.37 -23.26
CA GLN B 251 24.16 9.92 -24.60
C GLN B 251 25.09 9.33 -25.67
N LYS B 252 26.37 9.20 -25.33
CA LYS B 252 27.36 8.62 -26.22
C LYS B 252 26.98 7.18 -26.64
N VAL B 253 26.55 6.37 -25.67
CA VAL B 253 26.14 4.99 -25.93
C VAL B 253 24.86 4.90 -26.76
N ILE B 254 23.87 5.74 -26.43
CA ILE B 254 22.60 5.75 -27.14
C ILE B 254 22.74 6.32 -28.57
N ASP B 255 23.60 7.32 -28.76
CA ASP B 255 23.85 7.90 -30.09
C ASP B 255 24.85 7.08 -30.93
N PRO C 8 -19.68 -22.23 20.48
CA PRO C 8 -20.24 -21.29 19.49
C PRO C 8 -21.43 -20.50 20.06
N PHE C 9 -21.35 -19.17 20.01
CA PHE C 9 -22.41 -18.33 20.57
C PHE C 9 -23.63 -18.22 19.66
N PHE C 10 -23.39 -18.08 18.36
CA PHE C 10 -24.45 -17.94 17.38
C PHE C 10 -24.72 -19.26 16.69
N ASN C 11 -25.92 -19.39 16.11
CA ASN C 11 -26.30 -20.59 15.37
C ASN C 11 -25.86 -20.48 13.92
N GLU C 12 -24.98 -21.40 13.51
CA GLU C 12 -24.45 -21.49 12.15
C GLU C 12 -25.49 -21.36 11.04
N LYS C 13 -26.66 -21.95 11.26
CA LYS C 13 -27.78 -21.94 10.30
C LYS C 13 -28.23 -20.54 9.91
N THR C 14 -28.26 -19.61 10.88
CA THR C 14 -28.74 -18.25 10.65
C THR C 14 -27.63 -17.19 10.64
N PHE C 15 -26.55 -17.44 11.39
CA PHE C 15 -25.36 -16.58 11.42
C PHE C 15 -24.54 -16.73 10.13
N GLY C 16 -24.54 -17.93 9.56
CA GLY C 16 -23.66 -18.28 8.46
C GLY C 16 -22.29 -18.71 8.98
N ALA C 17 -21.40 -19.07 8.07
CA ALA C 17 -20.05 -19.49 8.42
C ALA C 17 -19.16 -18.32 8.84
N GLY C 18 -18.15 -18.61 9.68
CA GLY C 18 -17.08 -17.66 9.97
C GLY C 18 -16.75 -17.41 11.44
N GLU C 19 -17.58 -17.95 12.33
CA GLU C 19 -17.41 -17.70 13.76
C GLU C 19 -16.25 -18.46 14.40
N ALA C 20 -16.07 -19.72 14.02
CA ALA C 20 -15.00 -20.56 14.56
C ALA C 20 -13.59 -20.02 14.27
N ASP C 21 -13.39 -19.47 13.08
CA ASP C 21 -12.08 -18.99 12.68
C ASP C 21 -11.99 -17.45 12.69
N CYS C 22 -12.86 -16.79 13.46
CA CYS C 22 -12.91 -15.33 13.49
C CYS C 22 -11.66 -14.72 14.14
N GLY C 23 -11.36 -13.47 13.79
CA GLY C 23 -10.31 -12.69 14.46
C GLY C 23 -8.89 -13.07 14.11
N LEU C 24 -8.73 -13.97 13.15
CA LEU C 24 -7.44 -14.50 12.74
C LEU C 24 -7.26 -14.11 11.28
N ARG C 25 -6.32 -13.20 11.02
CA ARG C 25 -6.18 -12.57 9.71
C ARG C 25 -5.27 -13.40 8.79
N PRO C 26 -5.76 -13.72 7.58
CA PRO C 26 -4.98 -14.51 6.63
C PRO C 26 -3.56 -13.97 6.40
N LEU C 27 -3.43 -12.65 6.30
CA LEU C 27 -2.13 -12.04 5.99
C LEU C 27 -1.24 -11.77 7.21
N PHE C 28 -1.76 -12.05 8.40
CA PHE C 28 -0.98 -11.83 9.63
C PHE C 28 -0.92 -13.04 10.58
N GLU C 29 -1.93 -13.23 11.42
CA GLU C 29 -1.96 -14.35 12.37
C GLU C 29 -1.75 -15.71 11.71
N LYS C 30 -2.39 -15.90 10.56
CA LYS C 30 -2.34 -17.19 9.86
C LYS C 30 -0.98 -17.47 9.23
N LYS C 31 -0.21 -16.41 8.96
CA LYS C 31 1.12 -16.54 8.40
C LYS C 31 2.22 -16.28 9.43
N GLN C 32 1.83 -16.15 10.71
CA GLN C 32 2.74 -15.83 11.81
C GLN C 32 3.51 -14.52 11.58
N VAL C 33 2.80 -13.54 11.02
CA VAL C 33 3.35 -12.21 10.79
C VAL C 33 2.62 -11.22 11.70
N GLN C 34 3.39 -10.37 12.37
CA GLN C 34 2.82 -9.32 13.20
C GLN C 34 2.69 -8.05 12.37
N ASP C 35 1.58 -7.33 12.53
CA ASP C 35 1.44 -6.06 11.85
C ASP C 35 2.33 -5.00 12.50
N GLN C 36 2.42 -3.83 11.88
CA GLN C 36 3.38 -2.82 12.30
C GLN C 36 3.16 -2.18 13.68
N THR C 37 1.95 -2.27 14.23
CA THR C 37 1.67 -1.61 15.51
C THR C 37 0.96 -2.43 16.58
N GLU C 38 0.67 -3.71 16.31
CA GLU C 38 -0.02 -4.55 17.30
C GLU C 38 0.79 -4.74 18.60
N LYS C 39 2.12 -4.69 18.50
CA LYS C 39 2.98 -4.77 19.67
C LYS C 39 2.64 -3.68 20.69
N GLU C 40 2.33 -2.48 20.19
CA GLU C 40 1.90 -1.35 21.02
C GLU C 40 0.68 -1.71 21.89
N LEU C 41 -0.25 -2.48 21.31
CA LEU C 41 -1.45 -2.93 22.00
C LEU C 41 -1.12 -3.91 23.10
N PHE C 42 -0.26 -4.88 22.80
CA PHE C 42 0.20 -5.87 23.78
C PHE C 42 0.97 -5.19 24.92
N GLU C 43 1.72 -4.13 24.59
CA GLU C 43 2.42 -3.34 25.61
C GLU C 43 1.46 -2.65 26.58
N SER C 44 0.30 -2.23 26.07
CA SER C 44 -0.70 -1.55 26.92
C SER C 44 -1.27 -2.47 28.01
N TYR C 45 -1.13 -3.79 27.82
CA TYR C 45 -1.60 -4.77 28.79
C TYR C 45 -0.68 -4.98 29.99
N ILE C 46 0.59 -4.61 29.85
CA ILE C 46 1.56 -4.87 30.91
C ILE C 46 1.82 -3.62 31.78
N GLU C 47 1.90 -3.83 33.09
CA GLU C 47 2.02 -2.70 34.04
C GLU C 47 3.42 -2.09 34.10
N ILE D 1 -10.06 9.21 10.06
CA ILE D 1 -9.14 9.01 11.21
C ILE D 1 -8.13 10.16 11.29
N VAL D 2 -8.10 10.85 12.42
CA VAL D 2 -7.14 11.93 12.67
C VAL D 2 -5.88 11.42 13.38
N GLU D 3 -4.73 11.83 12.86
CA GLU D 3 -3.43 11.52 13.46
C GLU D 3 -3.14 10.02 13.49
N GLY D 4 -3.71 9.30 12.52
CA GLY D 4 -3.42 7.88 12.34
C GLY D 4 -2.38 7.67 11.26
N GLN D 5 -2.38 6.47 10.67
CA GLN D 5 -1.44 6.17 9.60
C GLN D 5 -2.08 5.26 8.54
N ASP D 6 -1.46 5.21 7.36
CA ASP D 6 -1.86 4.30 6.31
C ASP D 6 -1.81 2.86 6.84
N ALA D 7 -2.91 2.14 6.67
CA ALA D 7 -3.00 0.76 7.14
C ALA D 7 -2.33 -0.18 6.16
N GLU D 8 -1.71 -1.24 6.68
CA GLU D 8 -1.15 -2.28 5.82
C GLU D 8 -2.27 -3.02 5.10
N VAL D 9 -1.95 -3.53 3.92
CA VAL D 9 -2.83 -4.44 3.19
C VAL D 9 -3.20 -5.63 4.07
N GLY D 10 -4.50 -5.88 4.21
CA GLY D 10 -5.03 -7.00 4.98
C GLY D 10 -5.05 -6.77 6.48
N LEU D 11 -4.80 -5.54 6.90
CA LEU D 11 -4.72 -5.20 8.33
C LEU D 11 -6.01 -5.48 9.06
N SER D 12 -7.12 -5.18 8.39
CA SER D 12 -8.42 -5.19 9.03
C SER D 12 -9.43 -5.80 8.05
N PRO D 13 -9.34 -7.14 7.85
CA PRO D 13 -10.10 -7.80 6.77
C PRO D 13 -11.61 -7.81 7.02
N TRP D 14 -12.01 -7.45 8.23
CA TRP D 14 -13.41 -7.32 8.62
C TRP D 14 -13.97 -5.92 8.32
N GLN D 15 -13.10 -5.00 7.89
CA GLN D 15 -13.51 -3.62 7.60
C GLN D 15 -14.42 -3.57 6.38
N VAL D 16 -15.55 -2.90 6.54
CA VAL D 16 -16.55 -2.76 5.49
C VAL D 16 -16.80 -1.27 5.23
N MET D 17 -16.93 -0.92 3.95
CA MET D 17 -17.34 0.41 3.55
C MET D 17 -18.85 0.42 3.27
N LEU D 18 -19.57 1.26 3.98
CA LEU D 18 -20.97 1.50 3.65
C LEU D 18 -21.01 2.59 2.58
N PHE D 19 -21.57 2.24 1.42
CA PHE D 19 -21.43 3.06 0.23
C PHE D 19 -22.79 3.48 -0.30
N ARG D 20 -22.94 4.77 -0.58
CA ARG D 20 -24.15 5.28 -1.20
C ARG D 20 -24.02 5.20 -2.72
N LYS D 21 -25.06 4.72 -3.39
CA LYS D 21 -25.04 4.61 -4.84
C LYS D 21 -25.08 5.94 -5.57
N SER D 22 -25.96 6.84 -5.13
CA SER D 22 -26.17 8.12 -5.81
C SER D 22 -26.65 9.18 -4.83
N PRO D 23 -25.85 10.24 -4.62
CA PRO D 23 -24.51 10.38 -5.21
C PRO D 23 -23.54 9.37 -4.58
N GLN D 24 -22.51 8.99 -5.33
CA GLN D 24 -21.49 8.07 -4.83
C GLN D 24 -20.72 8.69 -3.69
N GLU D 25 -20.84 8.09 -2.51
CA GLU D 25 -20.20 8.61 -1.32
C GLU D 25 -20.01 7.53 -0.24
N LEU D 26 -18.93 7.67 0.51
CA LEU D 26 -18.74 6.92 1.73
C LEU D 26 -19.71 7.47 2.78
N LEU D 27 -20.61 6.62 3.25
CA LEU D 27 -21.52 7.01 4.32
C LEU D 27 -20.90 6.75 5.67
N CYS D 28 -20.27 5.58 5.80
CA CYS D 28 -19.85 5.05 7.09
C CYS D 28 -18.94 3.85 6.94
N GLY D 29 -18.28 3.50 8.04
CA GLY D 29 -17.63 2.21 8.16
C GLY D 29 -18.62 1.19 8.68
N ALA D 30 -18.15 -0.06 8.76
CA ALA D 30 -18.94 -1.18 9.26
C ALA D 30 -17.98 -2.36 9.42
N SER D 31 -18.46 -3.48 9.95
CA SER D 31 -17.61 -4.66 10.09
C SER D 31 -18.30 -5.98 9.71
N LEU D 32 -17.52 -6.90 9.17
CA LEU D 32 -17.96 -8.24 8.85
C LEU D 32 -17.87 -9.07 10.12
N ILE D 33 -18.99 -9.69 10.51
CA ILE D 33 -19.00 -10.55 11.71
C ILE D 33 -19.27 -12.01 11.37
N SER D 34 -19.67 -12.27 10.13
CA SER D 34 -19.80 -13.63 9.58
C SER D 34 -19.80 -13.50 8.06
N ASP D 35 -20.11 -14.57 7.33
CA ASP D 35 -20.18 -14.45 5.88
C ASP D 35 -21.48 -13.80 5.35
N ARG D 36 -22.37 -13.40 6.26
CA ARG D 36 -23.71 -12.88 5.92
C ARG D 36 -24.14 -11.66 6.71
N TRP D 37 -23.42 -11.36 7.79
CA TRP D 37 -23.84 -10.32 8.72
C TRP D 37 -22.80 -9.21 8.86
N VAL D 38 -23.28 -7.97 8.82
CA VAL D 38 -22.43 -6.78 8.92
C VAL D 38 -22.95 -5.89 10.06
N LEU D 39 -22.02 -5.41 10.88
CA LEU D 39 -22.35 -4.58 12.02
C LEU D 39 -21.94 -3.13 11.74
N THR D 40 -22.82 -2.19 12.07
CA THR D 40 -22.55 -0.76 11.86
C THR D 40 -23.25 0.09 12.92
N ALA D 41 -23.16 1.41 12.80
CA ALA D 41 -23.88 2.32 13.69
C ALA D 41 -25.28 2.58 13.16
N ALA D 42 -26.23 2.77 14.06
CA ALA D 42 -27.62 3.05 13.70
C ALA D 42 -27.73 4.41 13.02
N HIS D 43 -26.94 5.38 13.48
CA HIS D 43 -27.01 6.76 12.99
C HIS D 43 -26.50 6.92 11.56
N CYS D 44 -25.83 5.87 11.07
CA CYS D 44 -25.38 5.80 9.69
C CYS D 44 -26.54 5.56 8.73
N LEU D 45 -27.61 4.97 9.25
CA LEU D 45 -28.77 4.60 8.45
C LEU D 45 -29.96 5.52 8.71
N LEU D 46 -30.15 5.90 9.97
CA LEU D 46 -31.32 6.69 10.37
C LEU D 46 -30.93 7.91 11.22
N TYR D 47 -31.23 9.10 10.70
CA TYR D 47 -31.06 10.36 11.45
C TYR D 47 -32.01 11.43 10.92
N PRO D 48 -33.24 11.47 11.48
CA PRO D 48 -34.29 12.45 11.09
C PRO D 48 -33.93 13.95 11.01
N PRO D 49 -33.02 14.48 11.88
CA PRO D 49 -32.58 15.89 11.70
C PRO D 49 -31.89 16.20 10.37
N TRP D 50 -31.35 15.17 9.71
CA TRP D 50 -30.83 15.33 8.36
C TRP D 50 -31.76 14.75 7.30
N ASP D 51 -32.99 14.41 7.71
CA ASP D 51 -33.97 13.74 6.84
C ASP D 51 -33.38 12.46 6.23
N LYS D 52 -32.76 11.65 7.09
CA LYS D 52 -32.04 10.45 6.67
C LYS D 52 -32.72 9.16 7.13
N ASN D 53 -33.05 8.32 6.17
CA ASN D 53 -33.56 6.97 6.41
C ASN D 53 -33.25 6.09 5.21
N PHE D 54 -32.09 5.45 5.23
CA PHE D 54 -31.63 4.68 4.09
C PHE D 54 -32.28 3.30 3.97
N THR D 55 -32.64 2.94 2.74
CA THR D 55 -33.20 1.63 2.46
C THR D 55 -32.14 0.74 1.81
N VAL D 56 -32.48 -0.52 1.56
CA VAL D 56 -31.56 -1.46 0.92
C VAL D 56 -31.31 -1.10 -0.56
N ASP D 57 -32.22 -0.32 -1.14
CA ASP D 57 -32.09 0.18 -2.51
C ASP D 57 -31.02 1.26 -2.63
N ASP D 58 -30.76 1.97 -1.54
CA ASP D 58 -29.87 3.14 -1.54
C ASP D 58 -28.38 2.80 -1.42
N LEU D 59 -28.08 1.59 -0.94
CA LEU D 59 -26.75 1.27 -0.41
C LEU D 59 -26.11 0.01 -0.94
N LEU D 60 -24.78 0.01 -0.92
CA LEU D 60 -23.97 -1.17 -1.12
C LEU D 60 -22.99 -1.30 0.05
N VAL D 61 -22.50 -2.51 0.28
CA VAL D 61 -21.32 -2.68 1.14
C VAL D 61 -20.14 -3.08 0.26
N ARG D 62 -18.98 -2.49 0.55
CA ARG D 62 -17.75 -2.84 -0.14
C ARG D 62 -16.78 -3.47 0.87
N ILE D 63 -16.41 -4.72 0.60
CA ILE D 63 -15.64 -5.49 1.56
C ILE D 63 -14.30 -5.88 0.93
N GLY D 64 -13.25 -5.96 1.74
CA GLY D 64 -11.91 -6.24 1.25
C GLY D 64 -11.19 -5.04 0.66
N LYS D 65 -11.70 -3.84 0.93
CA LYS D 65 -11.11 -2.61 0.37
C LYS D 65 -9.85 -2.13 1.10
N HIS D 66 -8.94 -1.50 0.36
CA HIS D 66 -7.79 -0.82 0.94
C HIS D 66 -7.84 0.64 0.52
N SER D 67 -7.74 0.87 -0.78
CA SER D 67 -7.92 2.18 -1.37
C SER D 67 -9.32 2.70 -1.09
N ARG D 68 -9.43 3.99 -0.78
CA ARG D 68 -10.75 4.61 -0.56
C ARG D 68 -11.55 4.67 -1.86
N THR D 69 -10.85 4.97 -2.96
CA THR D 69 -11.48 5.36 -4.22
C THR D 69 -11.35 4.36 -5.37
N ARG D 70 -10.23 3.64 -5.43
CA ARG D 70 -9.99 2.72 -6.54
C ARG D 70 -11.02 1.59 -6.53
N TYR D 71 -11.36 1.10 -7.72
CA TYR D 71 -12.12 -0.13 -7.81
C TYR D 71 -11.09 -1.26 -7.77
N GLU D 72 -11.09 -1.98 -6.66
CA GLU D 72 -10.07 -2.99 -6.43
C GLU D 72 -10.52 -4.34 -6.94
N ARG D 73 -10.52 -4.44 -8.28
CA ARG D 73 -10.98 -5.61 -9.02
C ARG D 73 -10.31 -6.89 -8.53
N LYS D 74 -11.14 -7.91 -8.28
CA LYS D 74 -10.67 -9.23 -7.84
C LYS D 74 -10.10 -9.23 -6.43
N VAL D 75 -10.26 -8.11 -5.73
CA VAL D 75 -9.83 -7.97 -4.34
C VAL D 75 -11.03 -7.62 -3.46
N GLU D 76 -11.65 -6.48 -3.73
CA GLU D 76 -12.88 -6.09 -3.01
C GLU D 76 -14.10 -6.85 -3.53
N LYS D 77 -15.12 -6.95 -2.69
CA LYS D 77 -16.38 -7.53 -3.10
C LYS D 77 -17.52 -6.56 -2.78
N ILE D 78 -18.38 -6.37 -3.78
CA ILE D 78 -19.51 -5.45 -3.69
C ILE D 78 -20.79 -6.27 -3.53
N SER D 79 -21.56 -5.92 -2.50
CA SER D 79 -22.77 -6.65 -2.18
C SER D 79 -23.93 -5.72 -1.90
N MET D 80 -25.11 -6.16 -2.31
CA MET D 80 -26.36 -5.52 -1.95
C MET D 80 -26.75 -6.04 -0.56
N LEU D 81 -27.68 -5.34 0.08
CA LEU D 81 -28.22 -5.81 1.35
C LEU D 81 -29.59 -6.45 1.19
N ASP D 82 -29.88 -7.40 2.08
CA ASP D 82 -31.16 -8.08 2.12
C ASP D 82 -32.13 -7.35 3.06
N LYS D 83 -31.64 -7.01 4.26
CA LYS D 83 -32.43 -6.34 5.28
C LYS D 83 -31.57 -5.48 6.19
N ILE D 84 -32.17 -4.41 6.71
CA ILE D 84 -31.54 -3.53 7.69
C ILE D 84 -32.28 -3.67 9.03
N TYR D 85 -31.55 -4.01 10.08
CA TYR D 85 -32.09 -4.08 11.44
C TYR D 85 -31.48 -3.02 12.34
N ILE D 86 -32.30 -2.06 12.77
CA ILE D 86 -31.86 -1.02 13.68
C ILE D 86 -32.39 -1.32 15.08
N HIS D 87 -31.58 -1.05 16.12
CA HIS D 87 -32.05 -1.19 17.49
C HIS D 87 -33.31 -0.33 17.71
N PRO D 88 -34.41 -0.97 18.13
CA PRO D 88 -35.68 -0.26 18.36
C PRO D 88 -35.56 0.79 19.46
N ARG D 89 -34.59 0.63 20.34
CA ARG D 89 -34.38 1.56 21.46
C ARG D 89 -33.16 2.46 21.24
N TYR D 90 -32.85 2.71 19.97
CA TYR D 90 -31.81 3.65 19.56
C TYR D 90 -32.31 5.08 19.78
N ASN D 91 -31.51 5.88 20.48
CA ASN D 91 -31.90 7.23 20.86
C ASN D 91 -31.22 8.28 19.98
N TRP D 92 -31.85 8.63 18.86
CA TRP D 92 -31.24 9.58 17.94
C TRP D 92 -31.28 11.03 18.43
N LYS D 93 -32.34 11.37 19.16
CA LYS D 93 -32.56 12.75 19.61
C LYS D 93 -31.62 13.21 20.73
N GLU D 94 -31.35 12.34 21.70
CA GLU D 94 -30.54 12.70 22.87
C GLU D 94 -29.04 12.47 22.70
N ASN D 95 -28.61 11.20 22.72
CA ASN D 95 -27.19 10.88 22.88
C ASN D 95 -26.65 9.75 21.99
N LEU D 96 -27.45 9.33 21.02
CA LEU D 96 -27.17 8.15 20.17
C LEU D 96 -26.97 6.88 20.98
N ASP D 97 -27.75 6.72 22.06
CA ASP D 97 -27.71 5.51 22.89
C ASP D 97 -28.18 4.29 22.08
N ARG D 98 -27.45 3.18 22.22
CA ARG D 98 -27.70 1.95 21.46
C ARG D 98 -27.52 2.18 19.95
N ASP D 99 -26.45 2.90 19.61
CA ASP D 99 -26.09 3.25 18.24
C ASP D 99 -25.53 2.02 17.53
N ILE D 100 -26.43 1.10 17.21
CA ILE D 100 -26.08 -0.20 16.64
C ILE D 100 -27.11 -0.59 15.59
N ALA D 101 -26.64 -1.24 14.53
CA ALA D 101 -27.52 -1.75 13.49
C ALA D 101 -26.87 -2.97 12.87
N LEU D 102 -27.69 -3.90 12.40
CA LEU D 102 -27.20 -5.09 11.72
C LEU D 102 -27.67 -5.11 10.27
N LEU D 103 -26.74 -5.48 9.39
CA LEU D 103 -26.96 -5.51 7.96
C LEU D 103 -26.85 -6.95 7.46
N LYS D 104 -27.93 -7.44 6.87
CA LYS D 104 -27.96 -8.78 6.32
C LYS D 104 -27.61 -8.71 4.83
N LEU D 105 -26.55 -9.40 4.43
CA LEU D 105 -26.15 -9.45 3.02
C LEU D 105 -27.15 -10.25 2.19
N LYS D 106 -27.37 -9.83 0.94
CA LYS D 106 -28.22 -10.56 -0.01
C LYS D 106 -27.82 -12.02 -0.13
N ARG D 107 -26.50 -12.27 -0.10
CA ARG D 107 -25.96 -13.63 -0.14
C ARG D 107 -24.65 -13.73 0.64
N PRO D 108 -24.26 -14.96 1.06
CA PRO D 108 -22.95 -15.15 1.69
C PRO D 108 -21.82 -14.77 0.74
N ILE D 109 -20.87 -13.99 1.25
CA ILE D 109 -19.66 -13.67 0.49
C ILE D 109 -18.58 -14.72 0.73
N GLU D 110 -17.73 -14.90 -0.26
CA GLU D 110 -16.60 -15.80 -0.13
C GLU D 110 -15.52 -15.07 0.64
N LEU D 111 -14.81 -15.80 1.51
CA LEU D 111 -13.72 -15.22 2.27
C LEU D 111 -12.42 -15.28 1.47
N SER D 112 -11.48 -14.42 1.81
CA SER D 112 -10.20 -14.36 1.14
C SER D 112 -9.14 -13.78 2.08
N ASP D 113 -7.96 -13.50 1.52
CA ASP D 113 -6.88 -12.82 2.25
C ASP D 113 -7.31 -11.46 2.79
N TYR D 114 -8.33 -10.87 2.15
CA TYR D 114 -8.73 -9.48 2.37
C TYR D 114 -10.08 -9.37 3.09
N ILE D 115 -10.76 -10.52 3.20
CA ILE D 115 -12.13 -10.59 3.73
C ILE D 115 -12.24 -11.75 4.72
N HIS D 116 -12.44 -11.40 5.99
CA HIS D 116 -12.47 -12.36 7.09
C HIS D 116 -13.16 -11.67 8.26
N PRO D 117 -14.16 -12.33 8.88
CA PRO D 117 -14.87 -11.77 10.04
C PRO D 117 -14.06 -11.61 11.33
N VAL D 118 -14.43 -10.58 12.09
CA VAL D 118 -13.88 -10.33 13.42
C VAL D 118 -14.69 -11.13 14.45
N CYS D 119 -14.09 -11.38 15.62
CA CYS D 119 -14.82 -11.98 16.73
C CYS D 119 -15.63 -10.95 17.50
N LEU D 120 -16.72 -11.42 18.10
CA LEU D 120 -17.50 -10.64 19.02
C LEU D 120 -17.17 -11.15 20.42
N PRO D 121 -17.02 -10.23 21.39
CA PRO D 121 -16.63 -10.63 22.74
C PRO D 121 -17.75 -11.37 23.49
N ASP D 122 -17.36 -12.37 24.27
CA ASP D 122 -18.22 -12.97 25.29
C ASP D 122 -17.95 -12.26 26.62
N LYS D 123 -18.62 -12.72 27.68
CA LYS D 123 -18.50 -12.11 29.02
C LYS D 123 -17.05 -12.03 29.49
N GLN D 124 -16.33 -13.14 29.38
CA GLN D 124 -14.95 -13.25 29.84
C GLN D 124 -14.00 -12.29 29.11
N THR D 125 -14.15 -12.19 27.79
CA THR D 125 -13.32 -11.29 26.98
C THR D 125 -13.56 -9.81 27.34
N ALA D 126 -14.82 -9.44 27.53
CA ALA D 126 -15.19 -8.09 27.94
C ALA D 126 -14.59 -7.75 29.30
N ALA D 127 -14.73 -8.66 30.25
CA ALA D 127 -14.18 -8.50 31.59
C ALA D 127 -12.66 -8.34 31.55
N LYS D 128 -12.00 -9.24 30.82
CA LYS D 128 -10.53 -9.24 30.68
C LYS D 128 -9.95 -8.01 29.97
N LEU D 129 -10.63 -7.54 28.93
CA LEU D 129 -10.06 -6.55 28.01
C LEU D 129 -10.47 -5.10 28.28
N LEU D 130 -11.64 -4.89 28.86
CA LEU D 130 -12.18 -3.54 29.01
C LEU D 130 -11.73 -2.85 30.30
N HIS D 131 -10.52 -2.28 30.24
CA HIS D 131 -9.93 -1.54 31.35
C HIS D 131 -9.20 -0.31 30.84
N ALA D 132 -9.25 0.75 31.65
CA ALA D 132 -8.61 2.02 31.33
C ALA D 132 -7.11 1.84 31.13
N GLY D 133 -6.57 2.39 30.03
CA GLY D 133 -5.15 2.27 29.72
C GLY D 133 -4.85 1.21 28.67
N PHE D 134 -5.71 0.19 28.61
CA PHE D 134 -5.62 -0.85 27.58
C PHE D 134 -5.99 -0.23 26.26
N LYS D 135 -5.20 -0.52 25.22
CA LYS D 135 -5.42 0.09 23.91
C LYS D 135 -6.17 -0.82 22.95
N GLY D 136 -7.04 -0.19 22.17
CA GLY D 136 -7.68 -0.80 21.03
C GLY D 136 -7.36 -0.06 19.74
N ARG D 137 -7.94 -0.54 18.65
CA ARG D 137 -7.62 -0.06 17.31
C ARG D 137 -8.89 0.36 16.57
N VAL D 138 -8.81 1.50 15.90
CA VAL D 138 -9.92 2.04 15.09
C VAL D 138 -9.46 2.23 13.64
N THR D 139 -10.29 1.82 12.69
CA THR D 139 -9.96 1.93 11.27
C THR D 139 -11.07 2.67 10.50
N GLY D 140 -10.69 3.33 9.41
CA GLY D 140 -11.67 4.04 8.58
C GLY D 140 -11.13 4.78 7.38
N TRP D 141 -12.05 5.23 6.52
CA TRP D 141 -11.71 6.03 5.35
C TRP D 141 -12.19 7.47 5.51
N GLY D 142 -12.54 7.83 6.75
CA GLY D 142 -13.09 9.14 7.07
C GLY D 142 -12.06 10.24 7.09
N ASN D 143 -12.51 11.45 7.41
CA ASN D 143 -11.68 12.66 7.37
C ASN D 143 -10.45 12.58 8.27
N ARG D 144 -9.33 13.08 7.73
CA ARG D 144 -8.03 13.06 8.42
C ARG D 144 -7.86 14.26 9.35
N ARG D 145 -8.76 15.23 9.20
CA ARG D 145 -8.83 16.38 10.10
C ARG D 145 -10.29 16.82 10.19
N GLU D 146 -10.65 17.40 11.33
CA GLU D 146 -12.02 17.84 11.57
C GLU D 146 -12.49 18.93 10.61
N THR D 147 -11.59 19.87 10.32
CA THR D 147 -11.91 21.01 9.46
C THR D 147 -10.93 21.15 8.29
N TRP D 148 -11.35 21.92 7.30
CA TRP D 148 -10.52 22.26 6.16
C TRP D 148 -10.60 23.75 5.88
N THR D 149 -9.62 24.27 5.15
CA THR D 149 -9.62 25.69 4.82
C THR D 149 -10.40 26.02 3.53
N THR D 150 -10.25 25.21 2.48
CA THR D 150 -10.93 25.50 1.21
C THR D 150 -11.88 24.38 0.73
N SER D 151 -11.47 23.13 0.90
CA SER D 151 -12.20 22.00 0.34
C SER D 151 -12.12 20.77 1.23
N VAL D 152 -13.24 20.05 1.34
CA VAL D 152 -13.29 18.77 2.05
C VAL D 152 -12.26 17.75 1.49
N ALA D 153 -11.90 17.92 0.22
CA ALA D 153 -10.91 17.06 -0.46
C ALA D 153 -9.54 17.05 0.20
N GLU D 154 -9.21 18.12 0.92
CA GLU D 154 -7.87 18.26 1.46
C GLU D 154 -7.65 17.44 2.74
N VAL D 155 -8.71 16.81 3.24
CA VAL D 155 -8.62 15.97 4.43
C VAL D 155 -9.02 14.52 4.14
N GLN D 156 -9.02 14.13 2.86
CA GLN D 156 -9.36 12.77 2.47
C GLN D 156 -8.15 11.85 2.45
N PRO D 157 -8.29 10.64 3.03
CA PRO D 157 -7.17 9.69 2.97
C PRO D 157 -7.22 8.95 1.63
N SER D 158 -6.10 8.44 1.15
CA SER D 158 -6.15 7.69 -0.10
C SER D 158 -6.39 6.20 0.15
N VAL D 159 -5.87 5.71 1.28
CA VAL D 159 -6.08 4.34 1.72
C VAL D 159 -6.61 4.31 3.13
N LEU D 160 -7.05 3.13 3.57
CA LEU D 160 -7.56 2.91 4.91
C LEU D 160 -6.59 3.43 5.99
N GLN D 161 -7.14 4.15 6.95
CA GLN D 161 -6.35 4.70 8.06
C GLN D 161 -6.53 3.86 9.31
N VAL D 162 -5.45 3.77 10.09
CA VAL D 162 -5.47 3.04 11.35
C VAL D 162 -4.93 3.90 12.48
N VAL D 163 -5.57 3.81 13.64
CA VAL D 163 -5.07 4.46 14.86
C VAL D 163 -5.32 3.57 16.07
N ASN D 164 -4.37 3.56 17.00
CA ASN D 164 -4.51 2.83 18.26
C ASN D 164 -4.72 3.82 19.41
N LEU D 165 -5.73 3.57 20.25
CA LEU D 165 -6.12 4.51 21.31
C LEU D 165 -6.45 3.79 22.61
N PRO D 166 -6.05 4.37 23.77
CA PRO D 166 -6.37 3.72 25.05
C PRO D 166 -7.80 3.95 25.52
N LEU D 167 -8.40 2.92 26.10
CA LEU D 167 -9.67 3.06 26.80
C LEU D 167 -9.50 4.05 27.94
N VAL D 168 -10.54 4.83 28.18
CA VAL D 168 -10.49 5.90 29.16
C VAL D 168 -11.48 5.58 30.27
N GLU D 169 -11.05 5.80 31.52
CA GLU D 169 -11.91 5.58 32.67
C GLU D 169 -13.16 6.47 32.61
N ARG D 170 -14.29 5.92 33.05
CA ARG D 170 -15.60 6.57 32.87
C ARG D 170 -15.79 7.96 33.52
N PRO D 171 -15.18 8.21 34.70
CA PRO D 171 -15.24 9.59 35.22
C PRO D 171 -14.58 10.65 34.32
N VAL D 172 -13.47 10.29 33.68
CA VAL D 172 -12.78 11.19 32.76
C VAL D 172 -13.62 11.49 31.50
N CYS D 173 -14.26 10.45 30.95
CA CYS D 173 -15.19 10.59 29.83
C CYS D 173 -16.34 11.53 30.19
N LYS D 174 -16.95 11.29 31.35
CA LYS D 174 -18.07 12.08 31.87
C LYS D 174 -17.75 13.58 31.95
N ALA D 175 -16.60 13.93 32.51
CA ALA D 175 -16.21 15.33 32.70
C ALA D 175 -15.87 16.07 31.40
N SER D 176 -15.70 15.33 30.31
CA SER D 176 -15.29 15.88 29.01
C SER D 176 -16.47 16.31 28.13
N THR D 177 -17.69 15.93 28.52
CA THR D 177 -18.87 16.20 27.72
C THR D 177 -20.11 16.45 28.60
N ARG D 178 -21.06 17.22 28.07
CA ARG D 178 -22.30 17.51 28.79
C ARG D 178 -23.37 16.46 28.47
N ILE D 179 -23.11 15.67 27.43
CA ILE D 179 -24.00 14.61 26.98
C ILE D 179 -24.00 13.43 27.98
N ARG D 180 -25.15 12.80 28.13
CA ARG D 180 -25.27 11.64 29.02
C ARG D 180 -24.58 10.41 28.42
N ILE D 181 -23.63 9.86 29.16
CA ILE D 181 -22.94 8.64 28.75
C ILE D 181 -23.56 7.45 29.47
N THR D 182 -23.90 6.42 28.71
CA THR D 182 -24.64 5.29 29.26
C THR D 182 -23.78 4.04 29.32
N ASP D 183 -24.35 3.01 29.94
CA ASP D 183 -23.81 1.65 29.96
C ASP D 183 -23.52 1.09 28.56
N ASN D 184 -24.19 1.64 27.54
CA ASN D 184 -24.10 1.13 26.16
C ASN D 184 -23.00 1.80 25.33
N MET D 185 -22.15 2.56 26.00
CA MET D 185 -21.07 3.27 25.33
C MET D 185 -19.81 3.35 26.18
N PHE D 186 -18.67 3.48 25.53
CA PHE D 186 -17.43 3.76 26.23
C PHE D 186 -16.64 4.80 25.43
N CYS D 187 -15.61 5.36 26.05
CA CYS D 187 -14.79 6.37 25.36
C CYS D 187 -13.31 5.98 25.31
N ALA D 188 -12.61 6.51 24.30
CA ALA D 188 -11.20 6.21 24.09
C ALA D 188 -10.47 7.41 23.50
N GLY D 189 -9.18 7.48 23.80
CA GLY D 189 -8.33 8.55 23.29
C GLY D 189 -7.27 8.91 24.32
N TYR D 190 -6.26 9.64 23.88
CA TYR D 190 -5.22 10.14 24.76
C TYR D 190 -5.66 11.40 25.48
N LYS D 191 -5.25 11.50 26.75
CA LYS D 191 -5.48 12.68 27.57
C LYS D 191 -4.49 13.78 27.17
N PRO D 192 -4.86 15.05 27.40
CA PRO D 192 -3.89 16.12 27.15
C PRO D 192 -2.57 15.89 27.90
N GLY D 193 -1.45 16.00 27.18
CA GLY D 193 -0.13 15.82 27.79
C GLY D 193 0.32 14.38 27.94
N GLU D 194 -0.35 13.45 27.25
CA GLU D 194 0.10 12.06 27.18
C GLU D 194 1.10 11.90 26.04
N GLY D 195 1.26 12.94 25.23
CA GLY D 195 2.28 13.00 24.19
C GLY D 195 1.91 12.32 22.89
N LYS D 196 0.65 11.91 22.78
CA LYS D 196 0.16 11.21 21.60
C LYS D 196 -1.26 11.70 21.29
N ARG D 197 -1.62 11.64 20.01
CA ARG D 197 -2.91 12.12 19.53
C ARG D 197 -3.66 11.01 18.81
N GLY D 198 -4.87 11.31 18.35
CA GLY D 198 -5.64 10.35 17.56
C GLY D 198 -7.12 10.30 17.89
N ASP D 199 -7.94 10.14 16.85
CA ASP D 199 -9.39 10.07 17.00
C ASP D 199 -10.00 9.55 15.71
N ALA D 200 -11.24 9.05 15.80
CA ALA D 200 -12.10 8.87 14.64
C ALA D 200 -12.68 10.22 14.21
N CYS D 201 -13.16 10.31 12.97
CA CYS D 201 -13.72 11.56 12.49
C CYS D 201 -14.91 11.28 11.57
N GLU D 202 -15.42 12.32 10.91
CA GLU D 202 -16.52 12.18 9.96
C GLU D 202 -16.18 11.15 8.85
N GLY D 203 -17.07 10.18 8.65
CA GLY D 203 -16.83 9.09 7.71
C GLY D 203 -16.38 7.77 8.35
N ASP D 204 -15.89 7.82 9.58
CA ASP D 204 -15.42 6.62 10.30
C ASP D 204 -16.54 5.94 11.11
N SER D 205 -17.64 6.67 11.31
CA SER D 205 -18.77 6.16 12.07
C SER D 205 -19.20 4.78 11.60
N GLY D 206 -19.56 3.92 12.56
CA GLY D 206 -19.98 2.57 12.25
C GLY D 206 -18.82 1.60 12.15
N GLY D 207 -17.61 2.12 12.02
CA GLY D 207 -16.40 1.31 11.93
C GLY D 207 -16.05 0.65 13.25
N PRO D 208 -15.20 -0.40 13.21
CA PRO D 208 -14.93 -1.15 14.44
C PRO D 208 -13.85 -0.57 15.33
N PHE D 209 -14.06 -0.71 16.63
CA PHE D 209 -13.03 -0.57 17.64
C PHE D 209 -12.64 -2.00 18.05
N VAL D 210 -11.42 -2.41 17.72
CA VAL D 210 -11.00 -3.78 17.98
C VAL D 210 -9.87 -3.90 18.98
N MET D 211 -9.81 -5.04 19.66
CA MET D 211 -8.73 -5.35 20.58
C MET D 211 -8.22 -6.77 20.32
N LYS D 212 -6.90 -6.95 20.39
CA LYS D 212 -6.31 -8.28 20.17
C LYS D 212 -5.97 -8.99 21.48
N SER D 213 -6.36 -10.26 21.57
CA SER D 213 -6.05 -11.09 22.74
C SER D 213 -4.57 -11.48 22.78
N PRO D 214 -3.91 -11.26 23.93
CA PRO D 214 -2.54 -11.73 24.13
C PRO D 214 -2.49 -13.20 24.58
N TYR D 215 -3.63 -13.88 24.55
CA TYR D 215 -3.70 -15.28 24.96
C TYR D 215 -4.14 -16.25 23.87
N ASN D 216 -5.12 -15.85 23.06
CA ASN D 216 -5.58 -16.70 21.95
C ASN D 216 -5.31 -16.12 20.55
N ASN D 217 -4.70 -14.94 20.49
CA ASN D 217 -4.21 -14.34 19.23
C ASN D 217 -5.32 -13.74 18.35
N ARG D 218 -6.53 -13.67 18.89
CA ARG D 218 -7.70 -13.23 18.11
C ARG D 218 -8.07 -11.77 18.35
N TRP D 219 -8.62 -11.15 17.31
CA TRP D 219 -9.17 -9.79 17.37
C TRP D 219 -10.65 -9.83 17.68
N TYR D 220 -11.04 -9.05 18.69
CA TYR D 220 -12.44 -8.93 19.12
C TYR D 220 -12.92 -7.51 18.92
N GLN D 221 -14.10 -7.35 18.33
CA GLN D 221 -14.69 -6.01 18.19
C GLN D 221 -15.39 -5.62 19.48
N MET D 222 -14.83 -4.63 20.16
CA MET D 222 -15.35 -4.20 21.45
C MET D 222 -16.30 -3.03 21.30
N GLY D 223 -16.10 -2.22 20.27
CA GLY D 223 -16.93 -1.04 20.04
C GLY D 223 -17.18 -0.69 18.59
N ILE D 224 -18.11 0.23 18.38
CA ILE D 224 -18.48 0.76 17.07
C ILE D 224 -18.33 2.27 17.17
N VAL D 225 -17.59 2.89 16.25
CA VAL D 225 -17.45 4.34 16.21
C VAL D 225 -18.83 4.97 16.20
N SER D 226 -19.11 5.80 17.21
CA SER D 226 -20.44 6.36 17.40
C SER D 226 -20.49 7.89 17.29
N TRP D 227 -19.82 8.59 18.20
CA TRP D 227 -19.87 10.05 18.25
C TRP D 227 -18.70 10.66 19.00
N GLY D 228 -18.54 11.97 18.87
CA GLY D 228 -17.50 12.69 19.59
C GLY D 228 -17.79 14.17 19.68
N GLU D 229 -16.82 14.94 20.17
CA GLU D 229 -16.93 16.39 20.24
C GLU D 229 -15.84 16.94 19.32
N GLY D 230 -16.20 17.22 18.07
CA GLY D 230 -15.22 17.47 17.02
C GLY D 230 -14.36 16.23 16.84
N CYS D 231 -13.17 16.40 16.26
CA CYS D 231 -12.24 15.29 16.10
C CYS D 231 -10.87 15.70 16.61
N ASP D 232 -10.32 14.87 17.50
CA ASP D 232 -8.95 15.01 18.04
C ASP D 232 -8.70 16.33 18.81
N ARG D 233 -9.75 16.88 19.41
CA ARG D 233 -9.61 18.08 20.26
C ARG D 233 -9.03 17.71 21.61
N ASP D 234 -8.17 18.57 22.17
CA ASP D 234 -7.59 18.35 23.50
C ASP D 234 -8.68 18.38 24.57
N GLY D 235 -8.60 17.46 25.52
CA GLY D 235 -9.60 17.32 26.59
C GLY D 235 -10.88 16.62 26.18
N LYS D 236 -10.93 16.19 24.92
CA LYS D 236 -12.07 15.48 24.35
C LYS D 236 -11.74 14.03 24.03
N TYR D 237 -12.79 13.22 23.89
CA TYR D 237 -12.63 11.79 23.63
C TYR D 237 -13.68 11.33 22.63
N GLY D 238 -13.37 10.25 21.92
CA GLY D 238 -14.33 9.64 21.02
C GLY D 238 -15.16 8.61 21.75
N PHE D 239 -16.41 8.47 21.33
CA PHE D 239 -17.35 7.54 21.94
C PHE D 239 -17.75 6.41 21.01
N TYR D 240 -17.86 5.23 21.61
CA TYR D 240 -18.06 3.98 20.89
C TYR D 240 -19.22 3.24 21.51
N THR D 241 -19.99 2.56 20.67
CA THR D 241 -21.06 1.69 21.13
C THR D 241 -20.45 0.45 21.78
N HIS D 242 -20.90 0.15 23.00
CA HIS D 242 -20.45 -1.00 23.77
C HIS D 242 -21.07 -2.27 23.17
N VAL D 243 -20.29 -2.98 22.36
CA VAL D 243 -20.78 -4.15 21.61
C VAL D 243 -21.24 -5.29 22.52
N PHE D 244 -20.46 -5.59 23.57
CA PHE D 244 -20.87 -6.63 24.51
C PHE D 244 -22.19 -6.33 25.21
N ARG D 245 -22.39 -5.08 25.62
CA ARG D 245 -23.62 -4.70 26.35
C ARG D 245 -24.88 -4.83 25.50
N LEU D 246 -24.72 -5.03 24.20
CA LEU D 246 -25.84 -5.20 23.27
C LEU D 246 -25.74 -6.53 22.54
N LYS D 247 -24.90 -7.43 23.05
CA LYS D 247 -24.70 -8.77 22.50
C LYS D 247 -26.02 -9.57 22.47
N LYS D 248 -26.87 -9.34 23.49
CA LYS D 248 -28.19 -9.94 23.59
C LYS D 248 -29.08 -9.59 22.38
N TRP D 249 -29.10 -8.32 22.00
CA TRP D 249 -29.87 -7.85 20.85
C TRP D 249 -29.35 -8.42 19.52
N ILE D 250 -28.03 -8.45 19.37
CA ILE D 250 -27.38 -9.04 18.21
C ILE D 250 -27.81 -10.50 18.03
N GLN D 251 -27.78 -11.26 19.13
CA GLN D 251 -28.24 -12.66 19.14
C GLN D 251 -29.72 -12.79 18.76
N LYS D 252 -30.55 -11.88 19.27
CA LYS D 252 -31.99 -11.91 19.03
C LYS D 252 -32.35 -11.72 17.56
N VAL D 253 -31.73 -10.74 16.90
CA VAL D 253 -32.02 -10.44 15.50
C VAL D 253 -31.49 -11.53 14.55
N ILE D 254 -30.38 -12.15 14.94
CA ILE D 254 -29.74 -13.19 14.13
C ILE D 254 -30.47 -14.55 14.22
N ASP D 255 -31.32 -14.73 15.23
CA ASP D 255 -32.16 -15.93 15.34
C ASP D 255 -33.61 -15.64 14.91
N GLN E 1 29.12 -7.35 -4.06
CA GLN E 1 28.06 -6.41 -4.54
C GLN E 1 27.98 -5.19 -3.62
N ARG E 2 26.92 -5.10 -2.83
CA ARG E 2 26.53 -3.91 -2.07
C ARG E 2 27.57 -3.51 -1.01
N ASN E 3 28.03 -4.49 -0.23
CA ASN E 3 28.90 -4.20 0.91
C ASN E 3 30.28 -3.68 0.50
N GLY E 4 30.45 -2.37 0.69
CA GLY E 4 31.67 -1.68 0.31
C GLY E 4 32.90 -2.12 1.06
N PHE E 5 32.73 -2.48 2.34
CA PHE E 5 33.87 -2.89 3.16
C PHE E 5 34.56 -4.16 2.66
N CYS E 6 33.87 -4.94 1.82
CA CYS E 6 34.43 -6.16 1.24
C CYS E 6 35.59 -5.89 0.29
N ARG E 7 35.67 -4.66 -0.21
CA ARG E 7 36.70 -4.26 -1.15
C ARG E 7 37.86 -3.53 -0.46
N LEU E 8 37.81 -3.44 0.86
CA LEU E 8 38.89 -2.86 1.63
C LEU E 8 40.01 -3.87 1.76
N PRO E 9 41.28 -3.41 1.81
CA PRO E 9 42.39 -4.34 1.97
C PRO E 9 42.38 -4.94 3.38
N ALA E 10 42.96 -6.12 3.53
CA ALA E 10 43.22 -6.68 4.85
C ALA E 10 44.07 -5.69 5.62
N ASP E 11 43.63 -5.35 6.83
CA ASP E 11 44.38 -4.44 7.70
C ASP E 11 44.63 -5.10 9.05
N GLU E 12 45.88 -5.46 9.27
CA GLU E 12 46.34 -6.02 10.55
C GLU E 12 46.28 -5.01 11.70
N GLY E 13 46.41 -3.72 11.37
CA GLY E 13 46.52 -2.67 12.37
C GLY E 13 47.90 -2.60 12.98
N ILE E 14 48.07 -1.77 13.99
CA ILE E 14 49.42 -1.53 14.55
C ILE E 14 49.67 -2.27 15.88
N CYS E 15 48.65 -2.94 16.39
CA CYS E 15 48.78 -3.69 17.63
C CYS E 15 49.46 -5.03 17.39
N LYS E 16 50.00 -5.63 18.44
CA LYS E 16 50.98 -6.71 18.29
C LYS E 16 50.47 -8.15 18.48
N ALA E 17 49.16 -8.32 18.66
CA ALA E 17 48.59 -9.66 18.81
C ALA E 17 48.52 -10.41 17.48
N LEU E 18 48.40 -11.73 17.55
CA LEU E 18 48.22 -12.54 16.35
C LEU E 18 46.88 -13.25 16.44
N ILE E 19 45.82 -12.52 16.11
CA ILE E 19 44.47 -13.04 16.15
C ILE E 19 44.08 -13.47 14.74
N PRO E 20 43.81 -14.77 14.54
CA PRO E 20 43.28 -15.25 13.26
C PRO E 20 41.90 -14.65 12.93
N ARG E 21 41.84 -13.96 11.80
CA ARG E 21 40.60 -13.39 11.28
C ARG E 21 40.45 -13.69 9.79
N PHE E 22 39.29 -13.33 9.24
CA PHE E 22 39.02 -13.52 7.82
C PHE E 22 38.66 -12.21 7.13
N TYR E 23 39.10 -12.08 5.89
CA TYR E 23 38.80 -10.93 5.05
C TYR E 23 38.48 -11.42 3.65
N PHE E 24 37.67 -10.65 2.93
CA PHE E 24 37.36 -10.98 1.54
C PHE E 24 38.45 -10.47 0.62
N ASN E 25 39.11 -11.40 -0.08
CA ASN E 25 40.13 -11.06 -1.07
C ASN E 25 39.49 -10.90 -2.46
N THR E 26 39.57 -9.70 -3.01
CA THR E 26 38.91 -9.39 -4.28
C THR E 26 39.63 -9.91 -5.51
N GLU E 27 40.95 -10.14 -5.39
CA GLU E 27 41.73 -10.75 -6.47
C GLU E 27 41.37 -12.21 -6.69
N THR E 28 41.18 -12.95 -5.59
CA THR E 28 40.84 -14.37 -5.64
C THR E 28 39.34 -14.63 -5.54
N GLY E 29 38.63 -13.74 -4.85
CA GLY E 29 37.20 -13.90 -4.61
C GLY E 29 36.93 -14.83 -3.46
N LYS E 30 37.93 -15.03 -2.61
CA LYS E 30 37.84 -15.98 -1.51
C LYS E 30 38.01 -15.29 -0.17
N CYS E 31 37.25 -15.75 0.82
CA CYS E 31 37.45 -15.33 2.20
C CYS E 31 38.74 -15.94 2.70
N THR E 32 39.67 -15.09 3.09
CA THR E 32 41.06 -15.46 3.34
C THR E 32 41.48 -15.09 4.76
N MET E 33 42.22 -15.97 5.41
CA MET E 33 42.72 -15.72 6.76
C MET E 33 43.91 -14.77 6.78
N PHE E 34 43.94 -13.92 7.81
CA PHE E 34 45.06 -13.03 8.06
C PHE E 34 45.24 -12.88 9.57
N SER E 35 46.36 -12.31 9.97
CA SER E 35 46.60 -12.02 11.38
C SER E 35 46.22 -10.59 11.72
N TYR E 36 45.29 -10.46 12.66
CA TYR E 36 44.84 -9.18 13.14
C TYR E 36 45.50 -8.86 14.49
N GLY E 37 46.02 -7.65 14.61
CA GLY E 37 46.78 -7.25 15.79
C GLY E 37 45.96 -6.95 17.02
N GLY E 38 44.65 -6.80 16.86
CA GLY E 38 43.74 -6.61 17.98
C GLY E 38 43.16 -5.22 18.16
N CYS E 39 43.67 -4.23 17.41
CA CYS E 39 43.11 -2.89 17.45
C CYS E 39 43.06 -2.22 16.05
N GLY E 40 42.04 -1.40 15.84
CA GLY E 40 41.89 -0.68 14.59
C GLY E 40 41.54 -1.58 13.41
N GLY E 41 42.21 -1.35 12.30
CA GLY E 41 41.89 -2.03 11.05
C GLY E 41 40.59 -1.55 10.44
N ASN E 42 39.93 -2.43 9.70
CA ASN E 42 38.69 -2.06 9.03
C ASN E 42 37.61 -3.15 9.14
N GLU E 43 36.50 -2.93 8.45
CA GLU E 43 35.33 -3.80 8.54
C GLU E 43 35.45 -5.08 7.69
N ASN E 44 36.51 -5.16 6.87
CA ASN E 44 36.82 -6.40 6.16
C ASN E 44 37.57 -7.35 7.09
N ASN E 45 36.88 -7.78 8.14
CA ASN E 45 37.50 -8.43 9.30
C ASN E 45 36.44 -9.25 10.03
N PHE E 46 36.56 -10.57 9.89
CA PHE E 46 35.55 -11.50 10.37
C PHE E 46 36.17 -12.59 11.23
N GLU E 47 35.48 -12.97 12.29
CA GLU E 47 35.98 -13.99 13.20
C GLU E 47 35.93 -15.40 12.58
N THR E 48 34.90 -15.67 11.80
CA THR E 48 34.76 -16.96 11.11
C THR E 48 34.66 -16.78 9.60
N ILE E 49 34.96 -17.83 8.85
CA ILE E 49 34.84 -17.81 7.39
C ILE E 49 33.37 -17.69 6.95
N GLU E 50 32.47 -18.23 7.76
CA GLU E 50 31.03 -18.19 7.49
C GLU E 50 30.50 -16.76 7.54
N GLU E 51 30.90 -16.03 8.58
CA GLU E 51 30.56 -14.60 8.72
C GLU E 51 31.05 -13.78 7.53
N CYS E 52 32.27 -14.07 7.07
CA CYS E 52 32.84 -13.41 5.90
C CYS E 52 32.03 -13.71 4.63
N GLN E 53 31.71 -14.98 4.43
CA GLN E 53 31.00 -15.43 3.23
C GLN E 53 29.62 -14.82 3.15
N LYS E 54 28.95 -14.74 4.30
CA LYS E 54 27.61 -14.17 4.42
C LYS E 54 27.63 -12.67 4.11
N ALA E 55 28.68 -11.99 4.54
CA ALA E 55 28.80 -10.55 4.32
C ALA E 55 29.37 -10.18 2.95
N CYS E 56 30.21 -11.05 2.39
CA CYS E 56 31.03 -10.68 1.22
C CYS E 56 30.98 -11.60 0.02
N GLY E 57 30.64 -12.87 0.24
CA GLY E 57 30.47 -13.82 -0.86
C GLY E 57 29.14 -13.63 -1.57
N ALA E 58 28.98 -14.28 -2.73
CA ALA E 58 27.71 -14.30 -3.45
C ALA E 58 26.58 -14.78 -2.54
N PRO E 59 25.48 -14.01 -2.47
CA PRO E 59 24.48 -14.26 -1.43
C PRO E 59 23.56 -15.45 -1.70
N GLU E 60 22.93 -15.93 -0.63
CA GLU E 60 21.85 -16.90 -0.73
C GLU E 60 20.59 -16.15 -1.16
N ARG E 61 20.01 -16.58 -2.28
CA ARG E 61 18.83 -15.93 -2.87
C ARG E 61 17.71 -16.93 -3.09
N VAL E 62 16.48 -16.49 -2.83
CA VAL E 62 15.30 -17.32 -3.08
C VAL E 62 15.09 -17.65 -4.57
N ASN E 63 14.52 -18.84 -4.84
CA ASN E 63 13.95 -19.19 -6.14
C ASN E 63 12.53 -19.67 -5.90
N ASP E 64 11.64 -18.71 -5.63
CA ASP E 64 10.25 -18.97 -5.33
C ASP E 64 9.31 -18.27 -6.31
N PHE E 65 9.80 -18.05 -7.53
CA PHE E 65 9.06 -17.36 -8.59
C PHE E 65 8.06 -18.29 -9.26
N GLU E 66 6.83 -17.80 -9.42
CA GLU E 66 5.73 -18.60 -9.93
C GLU E 66 5.75 -18.67 -11.44
N SER E 67 5.34 -19.82 -11.98
CA SER E 67 5.19 -19.97 -13.41
C SER E 67 3.71 -19.95 -13.74
N ALA E 68 3.37 -20.04 -15.02
CA ALA E 68 1.98 -20.17 -15.45
C ALA E 68 1.34 -21.41 -14.86
N ASP E 69 0.03 -21.35 -14.67
CA ASP E 69 -0.76 -22.54 -14.37
C ASP E 69 -0.58 -23.48 -15.56
N PHE E 70 0.04 -24.64 -15.32
CA PHE E 70 0.35 -25.57 -16.40
C PHE E 70 -0.88 -26.06 -17.18
N LYS E 71 -1.94 -26.45 -16.47
CA LYS E 71 -3.16 -26.98 -17.10
C LYS E 71 -3.82 -26.00 -18.06
N THR E 72 -3.96 -24.75 -17.63
CA THR E 72 -4.66 -23.77 -18.45
C THR E 72 -3.71 -22.90 -19.29
N GLY E 73 -2.48 -22.73 -18.82
CA GLY E 73 -1.51 -21.84 -19.48
C GLY E 73 -0.47 -22.47 -20.39
N CYS E 74 -0.25 -23.77 -20.28
CA CYS E 74 0.84 -24.45 -21.01
C CYS E 74 0.46 -25.74 -21.74
N GLU E 75 -0.51 -26.47 -21.21
CA GLU E 75 -0.93 -27.75 -21.77
C GLU E 75 -1.76 -27.65 -23.05
N PRO E 76 -2.78 -26.77 -23.08
CA PRO E 76 -3.68 -26.75 -24.24
C PRO E 76 -2.95 -26.52 -25.57
N ALA E 77 -3.43 -27.16 -26.63
CA ALA E 77 -2.91 -26.97 -27.97
C ALA E 77 -3.18 -25.54 -28.44
N ALA E 78 -2.41 -25.08 -29.42
CA ALA E 78 -2.54 -23.73 -29.95
C ALA E 78 -3.94 -23.48 -30.54
N ASP E 79 -4.47 -22.28 -30.31
CA ASP E 79 -5.79 -21.89 -30.79
C ASP E 79 -5.72 -20.50 -31.41
N SER E 80 -6.03 -20.42 -32.70
CA SER E 80 -5.99 -19.16 -33.45
C SER E 80 -7.14 -18.19 -33.14
N GLY E 81 -8.23 -18.71 -32.60
CA GLY E 81 -9.41 -17.89 -32.31
C GLY E 81 -10.32 -17.70 -33.52
N SER E 82 -11.11 -16.64 -33.50
CA SER E 82 -12.12 -16.41 -34.55
C SER E 82 -11.77 -15.28 -35.53
N CYS E 83 -10.99 -14.31 -35.06
CA CYS E 83 -10.63 -13.16 -35.88
C CYS E 83 -9.65 -13.56 -36.99
N ALA E 84 -9.41 -12.63 -37.92
CA ALA E 84 -8.60 -12.91 -39.09
C ALA E 84 -7.30 -12.07 -39.12
N GLY E 85 -6.78 -11.78 -37.93
CA GLY E 85 -5.46 -11.14 -37.80
C GLY E 85 -4.36 -12.17 -38.01
N GLN E 86 -3.13 -11.70 -38.24
CA GLN E 86 -2.00 -12.59 -38.47
C GLN E 86 -0.88 -12.32 -37.48
N LEU E 87 -1.22 -12.43 -36.20
CA LEU E 87 -0.28 -12.16 -35.12
C LEU E 87 0.54 -13.40 -34.83
N GLU E 88 1.86 -13.26 -34.82
CA GLU E 88 2.74 -14.36 -34.42
C GLU E 88 2.78 -14.49 -32.91
N ARG E 89 2.30 -15.63 -32.43
CA ARG E 89 2.32 -15.90 -30.99
C ARG E 89 3.06 -17.19 -30.66
N TRP E 90 3.37 -17.38 -29.38
CA TRP E 90 4.07 -18.58 -28.93
C TRP E 90 3.21 -19.40 -27.98
N PHE E 91 3.37 -20.70 -28.06
CA PHE E 91 2.65 -21.62 -27.19
C PHE E 91 3.59 -22.74 -26.77
N TYR E 92 3.39 -23.25 -25.55
CA TYR E 92 4.13 -24.41 -25.13
C TYR E 92 3.50 -25.66 -25.72
N ASN E 93 4.33 -26.45 -26.38
CA ASN E 93 3.93 -27.73 -26.98
C ASN E 93 4.31 -28.86 -26.03
N VAL E 94 3.30 -29.50 -25.43
CA VAL E 94 3.52 -30.57 -24.45
C VAL E 94 4.31 -31.75 -25.04
N GLN E 95 4.02 -32.11 -26.29
CA GLN E 95 4.69 -33.22 -26.95
C GLN E 95 6.18 -32.96 -27.11
N SER E 96 6.52 -31.83 -27.73
CA SER E 96 7.91 -31.56 -28.12
C SER E 96 8.73 -31.00 -26.96
N GLY E 97 8.04 -30.40 -25.99
CA GLY E 97 8.70 -29.77 -24.85
C GLY E 97 9.28 -28.40 -25.18
N GLU E 98 8.83 -27.83 -26.29
CA GLU E 98 9.37 -26.57 -26.80
C GLU E 98 8.26 -25.55 -26.91
N CYS E 99 8.63 -24.28 -26.73
CA CYS E 99 7.76 -23.19 -27.12
C CYS E 99 7.88 -22.98 -28.63
N GLU E 100 6.75 -22.96 -29.32
CA GLU E 100 6.71 -22.87 -30.78
C GLU E 100 5.80 -21.73 -31.23
N THR E 101 5.96 -21.29 -32.47
CA THR E 101 5.10 -20.24 -33.01
C THR E 101 3.79 -20.80 -33.53
N PHE E 102 2.74 -19.99 -33.43
CA PHE E 102 1.48 -20.22 -34.12
C PHE E 102 0.90 -18.87 -34.54
N VAL E 103 -0.04 -18.88 -35.48
CA VAL E 103 -0.64 -17.65 -35.95
C VAL E 103 -1.92 -17.43 -35.16
N TYR E 104 -2.05 -16.25 -34.57
CA TYR E 104 -3.22 -15.92 -33.75
C TYR E 104 -4.08 -14.85 -34.42
N GLY E 105 -5.40 -15.05 -34.38
CA GLY E 105 -6.37 -14.11 -34.97
C GLY E 105 -6.52 -12.75 -34.28
N GLY E 106 -6.32 -12.72 -32.97
CA GLY E 106 -6.47 -11.47 -32.21
C GLY E 106 -7.55 -11.53 -31.13
N CYS E 107 -8.43 -12.51 -31.23
CA CYS E 107 -9.54 -12.67 -30.29
C CYS E 107 -9.76 -14.16 -29.98
N GLY E 108 -10.21 -14.45 -28.77
CA GLY E 108 -10.47 -15.82 -28.35
C GLY E 108 -9.20 -16.59 -28.05
N GLY E 109 -9.29 -17.92 -28.15
CA GLY E 109 -8.16 -18.80 -27.88
C GLY E 109 -8.05 -19.11 -26.39
N ASN E 110 -6.88 -19.60 -25.99
CA ASN E 110 -6.61 -19.97 -24.59
C ASN E 110 -5.43 -19.19 -24.01
N ASP E 111 -5.03 -19.56 -22.80
CA ASP E 111 -3.94 -18.87 -22.10
C ASP E 111 -2.55 -19.27 -22.61
N ASN E 112 -2.51 -20.32 -23.43
CA ASN E 112 -1.24 -20.79 -23.98
C ASN E 112 -0.91 -19.99 -25.24
N ASN E 113 -0.58 -18.73 -25.01
CA ASN E 113 -0.55 -17.73 -26.06
C ASN E 113 0.31 -16.57 -25.53
N TYR E 114 1.55 -16.50 -26.01
CA TYR E 114 2.54 -15.58 -25.47
C TYR E 114 3.18 -14.75 -26.59
N GLU E 115 3.64 -13.55 -26.24
CA GLU E 115 4.13 -12.59 -27.22
C GLU E 115 5.59 -12.83 -27.62
N SER E 116 6.31 -13.62 -26.84
CA SER E 116 7.69 -13.95 -27.16
C SER E 116 8.03 -15.37 -26.73
N GLU E 117 9.04 -15.96 -27.38
CA GLU E 117 9.54 -17.28 -27.04
C GLU E 117 9.93 -17.33 -25.55
N GLU E 118 10.66 -16.30 -25.14
CA GLU E 118 11.28 -16.22 -23.83
C GLU E 118 10.28 -16.08 -22.68
N GLU E 119 9.16 -15.39 -22.93
CA GLU E 119 8.07 -15.35 -21.95
C GLU E 119 7.44 -16.72 -21.76
N CYS E 120 7.20 -17.39 -22.89
CA CYS E 120 6.65 -18.74 -22.91
C CYS E 120 7.57 -19.73 -22.17
N GLU E 121 8.86 -19.68 -22.49
CA GLU E 121 9.83 -20.57 -21.83
C GLU E 121 9.93 -20.30 -20.33
N LEU E 122 9.83 -19.04 -19.95
CA LEU E 122 9.88 -18.65 -18.55
C LEU E 122 8.74 -19.28 -17.75
N VAL E 123 7.53 -19.09 -18.24
CA VAL E 123 6.33 -19.44 -17.50
C VAL E 123 5.82 -20.86 -17.74
N CYS E 124 6.32 -21.53 -18.78
CA CYS E 124 5.88 -22.88 -19.13
C CYS E 124 6.94 -23.97 -18.98
N LYS E 125 8.21 -23.58 -19.08
CA LYS E 125 9.29 -24.56 -19.02
C LYS E 125 9.96 -24.53 -17.65
N ASN E 126 9.16 -24.16 -16.66
CA ASN E 126 9.48 -24.26 -15.25
C ASN E 126 8.29 -24.84 -14.49
N MET E 127 8.53 -25.28 -13.25
CA MET E 127 7.48 -25.75 -12.35
C MET E 127 6.92 -24.63 -11.48
N GLN F 1 -24.35 14.18 12.70
CA GLN F 1 -24.17 12.74 13.03
C GLN F 1 -23.17 12.56 14.17
N ARG F 2 -21.88 12.77 13.88
CA ARG F 2 -20.81 12.54 14.85
C ARG F 2 -20.85 13.49 16.04
N ASN F 3 -20.97 14.79 15.76
CA ASN F 3 -20.87 15.83 16.81
C ASN F 3 -22.03 15.79 17.79
N GLY F 4 -21.71 15.39 19.02
CA GLY F 4 -22.71 15.16 20.05
C GLY F 4 -23.38 16.42 20.56
N PHE F 5 -22.65 17.54 20.46
CA PHE F 5 -23.15 18.83 20.94
C PHE F 5 -24.25 19.43 20.06
N CYS F 6 -24.43 18.89 18.86
CA CYS F 6 -25.51 19.33 17.99
C CYS F 6 -26.88 18.96 18.56
N ARG F 7 -26.89 17.95 19.42
CA ARG F 7 -28.10 17.45 20.04
C ARG F 7 -28.43 18.20 21.34
N LEU F 8 -27.49 19.02 21.80
CA LEU F 8 -27.67 19.83 23.01
C LEU F 8 -28.70 20.93 22.81
N PRO F 9 -29.45 21.28 23.88
CA PRO F 9 -30.45 22.35 23.76
C PRO F 9 -29.81 23.72 23.63
N ALA F 10 -30.52 24.66 23.01
CA ALA F 10 -30.08 26.06 22.98
C ALA F 10 -30.01 26.59 24.40
N ASP F 11 -28.91 27.26 24.72
CA ASP F 11 -28.67 27.75 26.07
C ASP F 11 -28.13 29.19 26.06
N GLU F 12 -28.96 30.11 26.53
CA GLU F 12 -28.63 31.53 26.60
C GLU F 12 -27.61 31.82 27.70
N GLY F 13 -27.51 30.91 28.68
CA GLY F 13 -26.71 31.14 29.87
C GLY F 13 -27.39 32.12 30.80
N ILE F 14 -26.70 32.52 31.86
CA ILE F 14 -27.29 33.40 32.88
C ILE F 14 -26.89 34.86 32.75
N CYS F 15 -25.93 35.14 31.88
CA CYS F 15 -25.47 36.51 31.68
C CYS F 15 -26.44 37.34 30.83
N LYS F 16 -26.24 38.66 30.84
CA LYS F 16 -27.28 39.62 30.47
C LYS F 16 -27.18 40.22 29.06
N ALA F 17 -26.10 39.91 28.34
CA ALA F 17 -25.92 40.43 26.98
C ALA F 17 -26.94 39.86 26.00
N LEU F 18 -27.12 40.55 24.89
CA LEU F 18 -28.03 40.11 23.84
C LEU F 18 -27.19 39.91 22.58
N ILE F 19 -26.59 38.72 22.49
CA ILE F 19 -25.67 38.38 21.41
C ILE F 19 -26.31 37.35 20.48
N PRO F 20 -26.56 37.74 19.22
CA PRO F 20 -27.11 36.81 18.22
C PRO F 20 -26.15 35.65 17.94
N ARG F 21 -26.66 34.43 18.12
CA ARG F 21 -25.90 33.21 17.83
C ARG F 21 -26.78 32.19 17.13
N PHE F 22 -26.17 31.09 16.68
CA PHE F 22 -26.88 30.03 15.98
C PHE F 22 -26.70 28.69 16.68
N TYR F 23 -27.78 27.92 16.73
CA TYR F 23 -27.76 26.57 17.28
C TYR F 23 -28.48 25.62 16.33
N PHE F 24 -28.08 24.37 16.32
CA PHE F 24 -28.75 23.36 15.52
C PHE F 24 -29.97 22.83 16.27
N ASN F 25 -31.14 23.11 15.72
CA ASN F 25 -32.40 22.57 16.23
C ASN F 25 -32.62 21.20 15.62
N THR F 26 -32.63 20.17 16.46
CA THR F 26 -32.76 18.78 16.00
C THR F 26 -34.17 18.45 15.51
N GLU F 27 -35.16 19.17 16.04
CA GLU F 27 -36.55 18.99 15.63
C GLU F 27 -36.81 19.50 14.21
N THR F 28 -36.45 20.76 13.94
CA THR F 28 -36.63 21.33 12.61
C THR F 28 -35.53 20.87 11.65
N GLY F 29 -34.42 20.41 12.21
CA GLY F 29 -33.26 19.95 11.44
C GLY F 29 -32.48 21.08 10.80
N LYS F 30 -32.56 22.27 11.39
CA LYS F 30 -31.84 23.43 10.85
C LYS F 30 -31.16 24.30 11.90
N CYS F 31 -30.14 25.02 11.46
CA CYS F 31 -29.43 25.98 12.28
C CYS F 31 -30.30 27.20 12.52
N THR F 32 -30.60 27.46 13.79
CA THR F 32 -31.58 28.46 14.18
C THR F 32 -30.94 29.54 15.03
N MET F 33 -31.33 30.79 14.79
CA MET F 33 -30.83 31.92 15.58
C MET F 33 -31.44 31.93 16.98
N PHE F 34 -30.61 32.20 17.97
CA PHE F 34 -31.08 32.43 19.33
C PHE F 34 -30.26 33.54 20.00
N SER F 35 -30.75 34.01 21.14
CA SER F 35 -30.11 35.09 21.86
C SER F 35 -29.23 34.51 22.97
N TYR F 36 -27.92 34.80 22.89
CA TYR F 36 -26.95 34.30 23.85
C TYR F 36 -26.46 35.40 24.81
N GLY F 37 -26.45 35.07 26.10
CA GLY F 37 -26.11 36.02 27.16
C GLY F 37 -24.65 36.42 27.27
N GLY F 38 -23.76 35.67 26.63
CA GLY F 38 -22.34 36.02 26.60
C GLY F 38 -21.41 35.26 27.53
N CYS F 39 -21.95 34.46 28.43
CA CYS F 39 -21.11 33.63 29.31
C CYS F 39 -21.71 32.23 29.46
N GLY F 40 -20.85 31.22 29.56
CA GLY F 40 -21.29 29.84 29.71
C GLY F 40 -22.07 29.29 28.54
N GLY F 41 -23.18 28.62 28.83
CA GLY F 41 -23.95 27.93 27.79
C GLY F 41 -23.30 26.61 27.40
N ASN F 42 -23.53 26.18 26.16
CA ASN F 42 -22.92 24.95 25.68
C ASN F 42 -22.29 25.11 24.28
N GLU F 43 -21.85 24.00 23.72
CA GLU F 43 -21.10 24.00 22.46
C GLU F 43 -22.00 24.14 21.22
N ASN F 44 -23.31 23.92 21.39
CA ASN F 44 -24.31 24.20 20.34
C ASN F 44 -24.56 25.71 20.22
N ASN F 45 -23.51 26.42 19.82
CA ASN F 45 -23.47 27.86 19.89
C ASN F 45 -22.45 28.32 18.86
N PHE F 46 -22.93 28.96 17.79
CA PHE F 46 -22.08 29.33 16.66
C PHE F 46 -22.30 30.77 16.25
N GLU F 47 -21.22 31.45 15.90
CA GLU F 47 -21.28 32.87 15.58
C GLU F 47 -21.91 33.12 14.23
N THR F 48 -21.78 32.15 13.32
CA THR F 48 -22.39 32.23 12.00
C THR F 48 -23.20 30.97 11.69
N ILE F 49 -24.16 31.10 10.78
CA ILE F 49 -24.95 29.96 10.31
C ILE F 49 -24.07 28.95 9.56
N GLU F 50 -23.01 29.42 8.93
CA GLU F 50 -22.08 28.57 8.16
C GLU F 50 -21.28 27.63 9.08
N GLU F 51 -20.76 28.17 10.17
CA GLU F 51 -20.05 27.37 11.20
C GLU F 51 -20.97 26.31 11.79
N CYS F 52 -22.22 26.67 12.00
CA CYS F 52 -23.23 25.77 12.53
C CYS F 52 -23.57 24.68 11.51
N GLN F 53 -23.87 25.10 10.29
CA GLN F 53 -24.11 24.18 9.16
C GLN F 53 -22.95 23.23 8.93
N LYS F 54 -21.72 23.75 9.00
CA LYS F 54 -20.53 22.93 8.84
C LYS F 54 -20.39 21.89 9.96
N ALA F 55 -20.67 22.29 11.19
CA ALA F 55 -20.49 21.40 12.34
C ALA F 55 -21.66 20.45 12.57
N CYS F 56 -22.87 20.88 12.20
CA CYS F 56 -24.11 20.19 12.57
C CYS F 56 -25.08 19.84 11.43
N GLY F 57 -24.95 20.51 10.29
CA GLY F 57 -25.74 20.19 9.11
C GLY F 57 -25.19 19.01 8.34
N ALA F 58 -25.88 18.60 7.28
CA ALA F 58 -25.40 17.52 6.42
C ALA F 58 -24.00 17.84 5.93
N PRO F 59 -23.05 16.93 6.16
CA PRO F 59 -21.63 17.16 5.83
C PRO F 59 -21.35 17.15 4.33
N GLU F 60 -20.37 17.96 3.92
CA GLU F 60 -19.84 17.87 2.57
C GLU F 60 -19.09 16.55 2.41
N ARG F 61 -19.38 15.85 1.32
CA ARG F 61 -18.81 14.55 1.04
C ARG F 61 -18.28 14.52 -0.37
N VAL F 62 -17.10 13.93 -0.54
CA VAL F 62 -16.48 13.81 -1.86
C VAL F 62 -17.15 12.71 -2.67
N ASN F 63 -17.05 12.80 -3.99
CA ASN F 63 -17.67 11.85 -4.91
C ASN F 63 -16.65 11.18 -5.84
N ASP F 64 -15.37 11.29 -5.49
CA ASP F 64 -14.23 10.93 -6.35
C ASP F 64 -13.93 9.43 -6.48
N PHE F 65 -14.96 8.61 -6.53
CA PHE F 65 -14.78 7.17 -6.64
C PHE F 65 -14.59 6.74 -8.10
N GLU F 66 -13.65 5.84 -8.32
CA GLU F 66 -13.34 5.37 -9.65
C GLU F 66 -14.29 4.27 -10.07
N SER F 67 -14.58 4.21 -11.37
CA SER F 67 -15.35 3.10 -11.93
C SER F 67 -14.42 2.30 -12.83
N ALA F 68 -14.94 1.27 -13.50
CA ALA F 68 -14.14 0.47 -14.40
C ALA F 68 -13.77 1.26 -15.66
N ASP F 69 -12.65 0.89 -16.28
CA ASP F 69 -12.33 1.36 -17.61
C ASP F 69 -13.41 0.81 -18.54
N PHE F 70 -14.13 1.69 -19.24
CA PHE F 70 -15.27 1.27 -20.04
C PHE F 70 -14.92 0.41 -21.26
N LYS F 71 -13.89 0.82 -22.01
CA LYS F 71 -13.50 0.13 -23.24
C LYS F 71 -13.11 -1.33 -23.02
N THR F 72 -12.39 -1.59 -21.94
CA THR F 72 -11.95 -2.95 -21.64
C THR F 72 -12.84 -3.67 -20.62
N GLY F 73 -13.54 -2.91 -19.78
CA GLY F 73 -14.29 -3.49 -18.68
C GLY F 73 -15.81 -3.55 -18.78
N CYS F 74 -16.41 -2.84 -19.73
CA CYS F 74 -17.87 -2.73 -19.83
C CYS F 74 -18.40 -2.93 -21.24
N GLU F 75 -17.62 -2.46 -22.22
CA GLU F 75 -17.99 -2.52 -23.63
C GLU F 75 -17.95 -3.93 -24.25
N PRO F 76 -16.85 -4.71 -24.03
CA PRO F 76 -16.73 -5.98 -24.74
C PRO F 76 -17.87 -6.96 -24.42
N ALA F 77 -18.23 -7.78 -25.39
CA ALA F 77 -19.25 -8.80 -25.23
C ALA F 77 -18.78 -9.86 -24.24
N ALA F 78 -19.73 -10.61 -23.68
CA ALA F 78 -19.43 -11.69 -22.76
C ALA F 78 -18.52 -12.72 -23.42
N ASP F 79 -17.51 -13.17 -22.67
CA ASP F 79 -16.54 -14.15 -23.14
C ASP F 79 -16.43 -15.28 -22.10
N SER F 80 -16.91 -16.46 -22.49
CA SER F 80 -16.89 -17.62 -21.61
C SER F 80 -15.49 -18.20 -21.37
N GLY F 81 -14.54 -17.85 -22.24
CA GLY F 81 -13.19 -18.40 -22.15
C GLY F 81 -13.07 -19.79 -22.76
N SER F 82 -11.98 -20.49 -22.44
CA SER F 82 -11.69 -21.79 -23.05
C SER F 82 -11.96 -23.00 -22.15
N CYS F 83 -12.05 -22.76 -20.85
CA CYS F 83 -12.22 -23.84 -19.88
C CYS F 83 -13.68 -24.31 -19.78
N ALA F 84 -13.94 -25.29 -18.91
CA ALA F 84 -15.23 -25.99 -18.92
C ALA F 84 -16.01 -25.92 -17.60
N GLY F 85 -15.83 -24.83 -16.87
CA GLY F 85 -16.64 -24.56 -15.68
C GLY F 85 -17.98 -23.94 -16.06
N GLN F 86 -18.91 -23.92 -15.11
CA GLN F 86 -20.24 -23.36 -15.35
C GLN F 86 -20.53 -22.29 -14.31
N LEU F 87 -19.69 -21.25 -14.31
CA LEU F 87 -19.78 -20.18 -13.33
C LEU F 87 -20.68 -19.05 -13.82
N GLU F 88 -21.66 -18.67 -12.99
CA GLU F 88 -22.53 -17.55 -13.30
C GLU F 88 -21.81 -16.24 -13.03
N ARG F 89 -21.59 -15.48 -14.11
CA ARG F 89 -20.93 -14.20 -14.01
C ARG F 89 -21.80 -13.11 -14.61
N TRP F 90 -21.42 -11.86 -14.40
CA TRP F 90 -22.18 -10.74 -14.94
C TRP F 90 -21.31 -9.88 -15.85
N PHE F 91 -21.95 -9.33 -16.88
CA PHE F 91 -21.28 -8.44 -17.82
C PHE F 91 -22.19 -7.27 -18.15
N TYR F 92 -21.60 -6.11 -18.44
CA TYR F 92 -22.39 -5.00 -18.94
C TYR F 92 -22.68 -5.18 -20.43
N ASN F 93 -23.96 -5.13 -20.78
CA ASN F 93 -24.41 -5.28 -22.16
C ASN F 93 -24.76 -3.94 -22.77
N VAL F 94 -23.92 -3.48 -23.70
CA VAL F 94 -24.13 -2.19 -24.35
C VAL F 94 -25.39 -2.17 -25.22
N GLN F 95 -25.88 -3.37 -25.58
CA GLN F 95 -27.10 -3.50 -26.38
C GLN F 95 -28.37 -3.16 -25.59
N SER F 96 -28.33 -3.37 -24.28
CA SER F 96 -29.50 -3.11 -23.43
C SER F 96 -29.26 -1.99 -22.41
N GLY F 97 -27.98 -1.70 -22.15
CA GLY F 97 -27.60 -0.75 -21.10
C GLY F 97 -27.82 -1.34 -19.72
N GLU F 98 -27.74 -2.66 -19.65
CA GLU F 98 -27.98 -3.40 -18.40
C GLU F 98 -26.95 -4.49 -18.18
N CYS F 99 -26.71 -4.79 -16.90
CA CYS F 99 -25.84 -5.90 -16.51
C CYS F 99 -26.62 -7.20 -16.58
N GLU F 100 -26.02 -8.20 -17.21
CA GLU F 100 -26.72 -9.45 -17.49
C GLU F 100 -25.84 -10.66 -17.19
N THR F 101 -26.45 -11.82 -17.03
CA THR F 101 -25.70 -13.04 -16.73
C THR F 101 -25.16 -13.68 -18.00
N PHE F 102 -24.02 -14.37 -17.85
CA PHE F 102 -23.48 -15.28 -18.86
C PHE F 102 -22.74 -16.42 -18.15
N VAL F 103 -22.50 -17.51 -18.87
CA VAL F 103 -21.78 -18.66 -18.29
C VAL F 103 -20.27 -18.54 -18.58
N TYR F 104 -19.48 -18.52 -17.52
CA TYR F 104 -18.03 -18.40 -17.61
C TYR F 104 -17.33 -19.73 -17.36
N GLY F 105 -16.37 -20.07 -18.20
CA GLY F 105 -15.64 -21.34 -18.13
C GLY F 105 -14.66 -21.47 -16.98
N GLY F 106 -14.25 -20.33 -16.41
CA GLY F 106 -13.34 -20.33 -15.26
C GLY F 106 -11.96 -19.78 -15.54
N CYS F 107 -11.62 -19.62 -16.81
CA CYS F 107 -10.30 -19.17 -17.21
C CYS F 107 -10.39 -18.29 -18.46
N GLY F 108 -9.48 -17.33 -18.59
CA GLY F 108 -9.48 -16.43 -19.75
C GLY F 108 -10.68 -15.49 -19.80
N GLY F 109 -11.07 -15.12 -21.01
CA GLY F 109 -12.16 -14.17 -21.23
C GLY F 109 -11.66 -12.74 -21.21
N ASN F 110 -12.51 -11.83 -20.74
CA ASN F 110 -12.14 -10.41 -20.66
C ASN F 110 -12.59 -9.77 -19.35
N ASP F 111 -12.34 -8.47 -19.22
CA ASP F 111 -12.59 -7.74 -17.98
C ASP F 111 -14.06 -7.47 -17.69
N ASN F 112 -14.90 -7.63 -18.72
CA ASN F 112 -16.33 -7.47 -18.56
C ASN F 112 -16.91 -8.74 -17.95
N ASN F 113 -16.53 -8.99 -16.71
CA ASN F 113 -16.74 -10.25 -16.04
C ASN F 113 -16.76 -9.99 -14.53
N TYR F 114 -17.96 -10.06 -13.95
CA TYR F 114 -18.18 -9.62 -12.57
C TYR F 114 -18.92 -10.69 -11.77
N GLU F 115 -18.56 -10.81 -10.49
CA GLU F 115 -19.13 -11.83 -9.61
C GLU F 115 -20.56 -11.55 -9.18
N SER F 116 -20.96 -10.29 -9.19
CA SER F 116 -22.33 -9.91 -8.85
C SER F 116 -22.86 -8.82 -9.79
N GLU F 117 -24.19 -8.71 -9.86
CA GLU F 117 -24.87 -7.63 -10.58
C GLU F 117 -24.52 -6.26 -10.02
N GLU F 118 -24.51 -6.16 -8.69
CA GLU F 118 -24.18 -4.92 -7.95
C GLU F 118 -22.82 -4.39 -8.33
N GLU F 119 -21.85 -5.30 -8.46
CA GLU F 119 -20.49 -4.94 -8.83
C GLU F 119 -20.48 -4.33 -10.22
N CYS F 120 -21.01 -5.09 -11.19
CA CYS F 120 -21.13 -4.65 -12.58
C CYS F 120 -21.82 -3.29 -12.68
N GLU F 121 -22.96 -3.13 -12.02
CA GLU F 121 -23.71 -1.87 -12.04
C GLU F 121 -22.90 -0.70 -11.50
N LEU F 122 -22.20 -0.93 -10.39
CA LEU F 122 -21.38 0.08 -9.75
C LEU F 122 -20.23 0.56 -10.64
N VAL F 123 -19.52 -0.38 -11.25
CA VAL F 123 -18.27 -0.04 -11.93
C VAL F 123 -18.45 0.27 -13.43
N CYS F 124 -19.60 -0.11 -13.98
CA CYS F 124 -19.85 0.13 -15.39
C CYS F 124 -20.77 1.33 -15.60
N LYS F 125 -20.13 2.50 -15.63
CA LYS F 125 -20.84 3.77 -15.79
C LYS F 125 -20.56 4.32 -17.17
N ASN F 126 -21.60 4.82 -17.83
CA ASN F 126 -21.45 5.45 -19.14
C ASN F 126 -20.81 6.84 -19.06
N MET F 127 -20.78 7.40 -17.86
CA MET F 127 -20.09 8.66 -17.57
C MET F 127 -19.01 8.44 -16.51
P PO4 G . -0.83 15.56 -8.85
O1 PO4 G . -2.12 16.22 -8.44
O2 PO4 G . 0.13 16.56 -9.42
O3 PO4 G . -0.19 14.93 -7.63
O4 PO4 G . -1.09 14.48 -9.88
P PO4 H . 5.12 -7.83 2.39
O1 PO4 H . 5.01 -6.89 3.56
O2 PO4 H . 6.22 -8.85 2.65
O3 PO4 H . 3.81 -8.56 2.24
O4 PO4 H . 5.47 -7.06 1.12
P PO4 I . -0.38 -8.43 -7.82
O1 PO4 I . -1.68 -8.96 -7.30
O2 PO4 I . -0.63 -7.25 -8.73
O3 PO4 I . 0.47 -8.00 -6.65
O4 PO4 I . 0.32 -9.52 -8.60
NA NA J . 21.38 4.27 8.13
C1 NAG K . -38.60 3.17 6.12
C2 NAG K . -38.76 1.65 6.12
C3 NAG K . -39.90 1.25 7.08
C4 NAG K . -39.75 1.91 8.45
C5 NAG K . -39.45 3.41 8.33
C6 NAG K . -39.10 4.03 9.69
C7 NAG K . -39.54 1.63 3.74
C8 NAG K . -41.00 1.31 3.51
N2 NAG K . -38.94 1.06 4.80
O1 NAG K . -37.51 3.54 5.30
O3 NAG K . -39.94 -0.15 7.22
O4 NAG K . -40.93 1.71 9.18
O5 NAG K . -38.37 3.63 7.43
O6 NAG K . -38.75 5.37 9.52
O7 NAG K . -38.95 2.38 2.97
NA NA L . -8.55 14.27 22.19
P PO4 M . -24.83 14.76 2.15
O1 PO4 M . -24.17 15.97 1.54
O2 PO4 M . -26.25 15.09 2.58
O3 PO4 M . -24.89 13.66 1.13
O4 PO4 M . -24.03 14.34 3.35
#